data_8GXT
#
_entry.id   8GXT
#
_entity_poly.entity_id   1
_entity_poly.type   'polypeptide(L)'
_entity_poly.pdbx_seq_one_letter_code
;DVLSGKYKGPCYFGIIPCFVRGCKPKLFDAHRKLCIKLCKQEGFKSGHCSNFFKFQCWCTR
;
_entity_poly.pdbx_strand_id   A
#
# COMPACT_ATOMS: atom_id res chain seq x y z
N ASP A 1 9.20 -3.88 -12.45
CA ASP A 1 7.99 -3.89 -11.51
C ASP A 1 7.79 -5.32 -10.83
N VAL A 2 7.70 -5.38 -9.45
CA VAL A 2 7.54 -6.74 -8.66
C VAL A 2 6.50 -6.65 -7.47
N LEU A 3 6.19 -7.84 -6.79
CA LEU A 3 5.15 -7.92 -5.60
C LEU A 3 5.76 -7.20 -4.30
N SER A 4 5.62 -5.79 -4.22
CA SER A 4 6.17 -4.88 -3.03
C SER A 4 7.69 -5.19 -2.62
N GLY A 5 8.22 -4.57 -1.49
CA GLY A 5 9.66 -4.82 -1.00
C GLY A 5 9.69 -5.99 0.03
N LYS A 6 8.70 -6.02 1.02
CA LYS A 6 8.64 -7.12 2.11
C LYS A 6 7.23 -7.84 2.03
N TYR A 7 6.06 -7.13 2.39
CA TYR A 7 4.61 -7.73 2.24
C TYR A 7 3.49 -6.59 2.25
N LYS A 8 2.24 -6.93 1.74
CA LYS A 8 1.05 -5.89 1.61
C LYS A 8 -0.38 -6.58 1.85
N GLY A 9 -1.53 -5.81 1.63
CA GLY A 9 -2.98 -6.36 1.90
C GLY A 9 -4.00 -5.90 0.77
N PRO A 10 -5.40 -6.00 1.09
CA PRO A 10 -6.48 -5.59 0.04
C PRO A 10 -6.53 -4.00 -0.20
N CYS A 11 -7.17 -3.54 -1.36
CA CYS A 11 -7.22 -1.99 -1.71
C CYS A 11 -8.24 -1.22 -0.77
N TYR A 12 -9.62 -1.56 -0.84
CA TYR A 12 -10.75 -0.89 0.04
C TYR A 12 -10.66 0.75 0.01
N PHE A 13 -10.81 1.50 1.19
CA PHE A 13 -10.70 3.06 1.24
C PHE A 13 -10.13 3.54 2.69
N GLY A 14 -9.21 2.71 3.34
CA GLY A 14 -8.60 3.03 4.73
C GLY A 14 -9.21 2.08 5.81
N ILE A 15 -8.33 1.43 6.68
CA ILE A 15 -8.82 0.45 7.82
C ILE A 15 -7.75 0.30 9.02
N ILE A 16 -6.39 0.43 8.74
CA ILE A 16 -5.24 0.17 9.83
C ILE A 16 -5.36 1.10 11.14
N PRO A 17 -4.88 0.56 12.38
CA PRO A 17 -4.85 1.43 13.63
C PRO A 17 -3.36 1.98 13.86
N CYS A 18 -3.10 3.31 13.48
CA CYS A 18 -1.69 4.03 13.60
C CYS A 18 -0.53 3.30 12.78
N PHE A 19 0.13 4.04 11.79
CA PHE A 19 1.37 3.45 10.96
C PHE A 19 2.18 4.61 10.27
N VAL A 20 1.48 5.62 9.63
CA VAL A 20 2.16 6.82 8.88
C VAL A 20 1.47 8.21 9.36
N ARG A 21 1.47 9.34 8.51
CA ARG A 21 0.83 10.75 8.92
C ARG A 21 -0.72 10.61 9.33
N GLY A 22 -1.49 9.60 8.73
CA GLY A 22 -2.97 9.37 9.06
C GLY A 22 -3.16 8.39 10.27
N CYS A 23 -2.45 8.64 11.46
CA CYS A 23 -2.66 7.78 12.75
C CYS A 23 -3.86 8.42 13.57
N LYS A 24 -3.74 9.76 13.92
CA LYS A 24 -4.85 10.52 14.77
C LYS A 24 -6.25 10.60 13.99
N PRO A 25 -6.24 11.04 12.63
CA PRO A 25 -7.57 11.09 11.83
C PRO A 25 -8.14 9.63 11.47
N LYS A 26 -7.28 8.50 11.51
CA LYS A 26 -7.70 7.00 11.17
C LYS A 26 -8.20 6.85 9.68
N LEU A 27 -8.08 5.57 9.08
CA LEU A 27 -8.48 5.22 7.59
C LEU A 27 -7.65 6.12 6.54
N PHE A 28 -6.67 5.48 5.78
CA PHE A 28 -5.76 6.26 4.74
C PHE A 28 -6.54 6.85 3.48
N ASP A 29 -7.91 6.55 3.27
CA ASP A 29 -8.81 7.06 2.04
C ASP A 29 -8.54 6.24 0.73
N ALA A 30 -7.22 6.01 0.33
CA ALA A 30 -6.86 5.16 -0.92
C ALA A 30 -5.55 4.31 -0.64
N HIS A 31 -5.52 2.97 -1.08
CA HIS A 31 -4.25 2.03 -0.80
C HIS A 31 -2.92 2.53 -1.53
N ARG A 32 -2.98 3.47 -2.57
CA ARG A 32 -1.67 4.00 -3.34
C ARG A 32 -0.61 4.61 -2.30
N LYS A 33 -1.09 5.41 -1.25
CA LYS A 33 -0.15 6.03 -0.13
C LYS A 33 0.39 4.89 0.86
N LEU A 34 -0.49 3.88 1.28
CA LEU A 34 -0.02 2.68 2.22
C LEU A 34 0.93 1.69 1.41
N CYS A 35 0.60 1.40 0.08
CA CYS A 35 1.46 0.44 -0.87
C CYS A 35 2.90 1.06 -1.07
N ILE A 36 3.00 2.42 -1.46
CA ILE A 36 4.40 3.15 -1.63
C ILE A 36 5.21 3.24 -0.28
N LYS A 37 4.56 3.57 0.90
CA LYS A 37 5.33 3.72 2.28
C LYS A 37 5.97 2.36 2.78
N LEU A 38 5.25 1.18 2.60
CA LEU A 38 5.81 -0.22 3.06
C LEU A 38 6.98 -0.70 2.10
N CYS A 39 6.83 -0.59 0.70
CA CYS A 39 7.97 -1.05 -0.30
C CYS A 39 9.19 -0.03 -0.35
N LYS A 40 8.94 1.35 -0.26
CA LYS A 40 10.12 2.42 -0.30
C LYS A 40 11.17 2.26 0.91
N GLN A 41 10.75 1.60 2.08
CA GLN A 41 11.71 1.33 3.30
C GLN A 41 12.90 0.35 2.92
N GLU A 42 12.63 -0.74 2.07
CA GLU A 42 13.75 -1.75 1.64
C GLU A 42 14.62 -1.12 0.46
N GLY A 43 13.97 -0.61 -0.67
CA GLY A 43 14.77 0.02 -1.86
C GLY A 43 13.87 0.25 -3.14
N PHE A 44 12.72 1.01 -3.00
CA PHE A 44 11.75 1.33 -4.19
C PHE A 44 11.40 2.91 -4.22
N LYS A 45 10.48 3.36 -5.20
CA LYS A 45 10.03 4.87 -5.30
C LYS A 45 8.64 5.12 -6.04
N SER A 46 8.00 4.09 -6.76
CA SER A 46 6.63 4.29 -7.46
C SER A 46 5.65 3.06 -7.14
N GLY A 47 4.61 3.28 -6.24
CA GLY A 47 3.58 2.19 -5.82
C GLY A 47 2.13 2.58 -6.31
N HIS A 48 1.27 1.54 -6.73
CA HIS A 48 -0.20 1.81 -7.24
C HIS A 48 -1.16 0.52 -7.12
N CYS A 49 -2.54 0.75 -7.21
CA CYS A 49 -3.64 -0.37 -7.14
C CYS A 49 -4.31 -0.50 -8.57
N SER A 50 -4.13 -1.70 -9.29
CA SER A 50 -4.79 -2.01 -10.71
C SER A 50 -4.52 -3.52 -11.21
N ASN A 51 -4.40 -4.55 -10.26
CA ASN A 51 -4.06 -6.05 -10.71
C ASN A 51 -5.32 -6.97 -10.71
N PHE A 52 -6.30 -6.78 -9.73
CA PHE A 52 -7.66 -7.63 -9.65
C PHE A 52 -7.44 -9.23 -9.57
N PHE A 53 -6.18 -9.74 -9.17
CA PHE A 53 -5.97 -11.29 -8.99
C PHE A 53 -6.41 -11.69 -7.55
N LYS A 54 -5.70 -11.17 -6.45
CA LYS A 54 -6.08 -11.47 -4.93
C LYS A 54 -5.20 -10.58 -3.90
N PHE A 55 -4.83 -9.29 -4.31
CA PHE A 55 -4.05 -8.29 -3.35
C PHE A 55 -4.23 -6.77 -3.79
N GLN A 56 -4.28 -6.46 -5.15
CA GLN A 56 -4.52 -5.00 -5.73
C GLN A 56 -3.42 -3.93 -5.20
N CYS A 57 -2.09 -4.36 -5.16
CA CYS A 57 -0.89 -3.43 -4.76
C CYS A 57 0.38 -3.83 -5.61
N TRP A 58 1.02 -2.84 -6.35
CA TRP A 58 2.25 -3.14 -7.27
C TRP A 58 3.32 -2.03 -7.07
N CYS A 59 4.64 -2.38 -6.83
CA CYS A 59 5.77 -1.30 -6.64
C CYS A 59 6.89 -1.48 -7.74
N THR A 60 7.43 -0.32 -8.30
CA THR A 60 8.49 -0.34 -9.43
C THR A 60 9.70 0.61 -9.03
N ARG A 61 11.00 0.18 -9.37
CA ARG A 61 12.28 1.07 -9.09
C ARG A 61 12.32 2.26 -10.12
N ASP A 1 5.44 2.36 -15.20
CA ASP A 1 4.52 2.03 -14.01
C ASP A 1 3.71 0.69 -14.25
N VAL A 2 3.67 -0.25 -13.22
CA VAL A 2 2.96 -1.63 -13.34
C VAL A 2 2.04 -1.88 -12.04
N LEU A 3 1.08 -2.88 -12.11
CA LEU A 3 0.19 -3.28 -10.85
C LEU A 3 1.07 -4.02 -9.74
N SER A 4 0.50 -4.27 -8.49
CA SER A 4 1.33 -4.96 -7.32
C SER A 4 1.58 -6.48 -7.62
N GLY A 5 2.88 -6.97 -7.49
CA GLY A 5 3.25 -8.45 -7.71
C GLY A 5 2.80 -9.38 -6.50
N LYS A 6 2.58 -8.80 -5.25
CA LYS A 6 2.15 -9.63 -3.98
C LYS A 6 0.64 -9.23 -3.54
N TYR A 7 -0.26 -8.76 -4.53
CA TYR A 7 -1.75 -8.30 -4.27
C TYR A 7 -1.82 -7.04 -3.29
N LYS A 8 -3.02 -6.34 -3.24
CA LYS A 8 -3.22 -5.03 -2.42
C LYS A 8 -4.66 -4.96 -1.72
N GLY A 9 -4.92 -3.85 -0.92
CA GLY A 9 -6.28 -3.63 -0.18
C GLY A 9 -7.01 -2.31 -0.68
N PRO A 10 -8.20 -1.93 0.03
CA PRO A 10 -8.96 -0.64 -0.39
C PRO A 10 -8.18 0.68 0.07
N CYS A 11 -8.43 1.86 -0.63
CA CYS A 11 -7.76 3.23 -0.26
C CYS A 11 -8.80 4.05 0.62
N TYR A 12 -8.55 4.18 1.99
CA TYR A 12 -9.52 4.91 2.96
C TYR A 12 -8.69 5.93 3.91
N PHE A 13 -8.36 5.57 5.23
CA PHE A 13 -7.61 6.53 6.23
C PHE A 13 -6.79 5.75 7.39
N GLY A 14 -6.44 4.40 7.20
CA GLY A 14 -5.64 3.60 8.26
C GLY A 14 -6.16 2.12 8.39
N ILE A 15 -7.26 1.89 9.19
CA ILE A 15 -7.97 0.50 9.45
C ILE A 15 -7.09 -0.71 10.05
N ILE A 16 -5.82 -1.02 9.53
CA ILE A 16 -4.99 -2.29 10.05
C ILE A 16 -4.60 -2.16 11.62
N PRO A 17 -4.62 -3.36 12.42
CA PRO A 17 -4.20 -3.28 13.90
C PRO A 17 -2.62 -3.31 14.05
N CYS A 18 -1.90 -4.29 13.33
CA CYS A 18 -0.35 -4.41 13.39
C CYS A 18 0.20 -4.94 12.01
N PHE A 19 1.28 -4.26 11.41
CA PHE A 19 1.91 -4.74 10.03
C PHE A 19 3.31 -4.07 9.77
N VAL A 20 3.45 -2.72 10.03
CA VAL A 20 4.78 -1.91 9.78
C VAL A 20 5.14 -1.02 11.08
N ARG A 21 5.90 0.17 10.94
CA ARG A 21 6.29 1.10 12.19
C ARG A 21 5.01 1.67 12.96
N GLY A 22 3.77 1.69 12.30
CA GLY A 22 2.48 2.22 12.95
C GLY A 22 1.66 1.12 13.75
N CYS A 23 2.29 -0.09 14.17
CA CYS A 23 1.52 -1.21 15.03
C CYS A 23 1.05 -0.59 16.43
N LYS A 24 2.00 0.10 17.18
CA LYS A 24 1.65 0.72 18.60
C LYS A 24 0.63 1.94 18.50
N PRO A 25 0.92 2.99 17.56
CA PRO A 25 -0.09 4.16 17.40
C PRO A 25 -1.44 3.75 16.63
N LYS A 26 -1.45 2.58 15.82
CA LYS A 26 -2.69 2.07 14.96
C LYS A 26 -3.10 3.11 13.84
N LEU A 27 -3.84 2.63 12.73
CA LEU A 27 -4.30 3.50 11.52
C LEU A 27 -3.09 4.33 10.83
N PHE A 28 -2.57 3.86 9.63
CA PHE A 28 -1.39 4.61 8.84
C PHE A 28 -1.77 6.06 8.31
N ASP A 29 -3.11 6.53 8.37
CA ASP A 29 -3.65 7.95 7.85
C ASP A 29 -3.85 7.97 6.29
N ALA A 30 -2.91 7.36 5.47
CA ALA A 30 -3.06 7.29 3.92
C ALA A 30 -2.56 5.90 3.39
N HIS A 31 -3.36 5.20 2.47
CA HIS A 31 -2.91 3.79 1.84
C HIS A 31 -1.56 3.91 0.97
N ARG A 32 -1.15 5.18 0.51
CA ARG A 32 0.21 5.42 -0.30
C ARG A 32 1.47 4.90 0.56
N LYS A 33 1.46 5.08 1.96
CA LYS A 33 2.64 4.55 2.91
C LYS A 33 2.71 2.96 2.86
N LEU A 34 1.52 2.25 2.96
CA LEU A 34 1.46 0.67 2.85
C LEU A 34 1.76 0.19 1.36
N CYS A 35 1.24 0.93 0.29
CA CYS A 35 1.43 0.48 -1.22
C CYS A 35 2.98 0.52 -1.64
N ILE A 36 3.73 1.64 -1.26
CA ILE A 36 5.27 1.76 -1.58
C ILE A 36 6.14 0.82 -0.63
N LYS A 37 5.77 0.69 0.71
CA LYS A 37 6.60 -0.22 1.74
C LYS A 37 6.46 -1.76 1.41
N LEU A 38 5.23 -2.24 0.97
CA LEU A 38 5.01 -3.75 0.55
C LEU A 38 5.61 -4.01 -0.90
N CYS A 39 5.39 -3.06 -1.92
CA CYS A 39 5.99 -3.23 -3.38
C CYS A 39 7.57 -3.11 -3.40
N LYS A 40 8.20 -2.13 -2.58
CA LYS A 40 9.79 -1.94 -2.61
C LYS A 40 10.58 -3.25 -2.16
N GLN A 41 9.95 -4.16 -1.30
CA GLN A 41 10.62 -5.53 -0.88
C GLN A 41 10.67 -6.54 -2.14
N GLU A 42 9.57 -6.57 -3.01
CA GLU A 42 9.53 -7.50 -4.30
C GLU A 42 10.44 -6.90 -5.44
N GLY A 43 10.27 -5.56 -5.79
CA GLY A 43 11.14 -4.87 -6.89
C GLY A 43 10.49 -3.54 -7.43
N PHE A 44 10.26 -2.51 -6.53
CA PHE A 44 9.63 -1.12 -6.97
C PHE A 44 10.25 0.09 -6.13
N LYS A 45 9.83 1.39 -6.45
CA LYS A 45 10.40 2.66 -5.71
C LYS A 45 9.24 3.65 -5.31
N SER A 46 8.20 3.88 -6.21
CA SER A 46 7.05 4.87 -5.92
C SER A 46 5.66 4.12 -6.06
N GLY A 47 4.87 4.04 -4.92
CA GLY A 47 3.48 3.36 -4.87
C GLY A 47 2.41 4.41 -4.44
N HIS A 48 1.21 4.48 -5.17
CA HIS A 48 0.06 5.51 -4.84
C HIS A 48 -1.38 5.04 -5.38
N CYS A 49 -2.49 5.75 -4.96
CA CYS A 49 -3.96 5.41 -5.43
C CYS A 49 -4.29 6.30 -6.68
N SER A 50 -4.63 5.68 -7.91
CA SER A 50 -4.94 6.53 -9.21
C SER A 50 -5.71 5.70 -10.36
N ASN A 51 -6.42 4.55 -10.03
CA ASN A 51 -7.18 3.71 -11.14
C ASN A 51 -8.74 3.79 -10.99
N PHE A 52 -9.30 3.84 -9.70
CA PHE A 52 -10.89 3.86 -9.43
C PHE A 52 -11.66 2.63 -10.16
N PHE A 53 -10.93 1.46 -10.46
CA PHE A 53 -11.59 0.20 -11.13
C PHE A 53 -12.21 -0.68 -9.97
N LYS A 54 -11.32 -1.27 -9.04
CA LYS A 54 -11.80 -2.11 -7.77
C LYS A 54 -10.56 -2.52 -6.82
N PHE A 55 -9.50 -1.59 -6.69
CA PHE A 55 -8.25 -1.85 -5.75
C PHE A 55 -7.53 -0.50 -5.34
N GLN A 56 -7.40 0.54 -6.29
CA GLN A 56 -6.71 1.94 -6.02
C GLN A 56 -5.20 1.78 -5.49
N CYS A 57 -4.29 1.07 -6.29
CA CYS A 57 -2.77 0.87 -5.86
C CYS A 57 -1.87 0.59 -7.15
N TRP A 58 -1.01 1.59 -7.58
CA TRP A 58 -0.07 1.44 -8.83
C TRP A 58 1.41 1.65 -8.34
N CYS A 59 2.32 0.62 -8.57
CA CYS A 59 3.82 0.67 -8.06
C CYS A 59 4.78 0.80 -9.30
N THR A 60 5.85 1.72 -9.23
CA THR A 60 6.78 2.00 -10.45
C THR A 60 8.31 1.80 -10.06
N ARG A 61 9.14 1.16 -10.98
CA ARG A 61 10.68 0.96 -10.74
C ARG A 61 11.47 2.31 -11.08
N ASP A 1 9.20 0.63 -13.80
CA ASP A 1 8.09 0.30 -12.78
C ASP A 1 7.86 -1.27 -12.67
N VAL A 2 7.84 -1.83 -11.40
CA VAL A 2 7.65 -3.35 -11.12
C VAL A 2 6.47 -3.54 -10.06
N LEU A 3 5.70 -4.72 -10.13
CA LEU A 3 4.52 -4.99 -9.10
C LEU A 3 5.06 -5.21 -7.61
N SER A 4 4.13 -5.27 -6.57
CA SER A 4 4.59 -5.41 -5.06
C SER A 4 5.08 -6.88 -4.75
N GLY A 5 6.37 -7.04 -4.25
CA GLY A 5 6.97 -8.40 -3.85
C GLY A 5 6.30 -9.00 -2.55
N LYS A 6 5.98 -8.11 -1.52
CA LYS A 6 5.30 -8.58 -0.17
C LYS A 6 3.74 -8.75 -0.40
N TYR A 7 3.05 -9.67 0.39
CA TYR A 7 1.49 -9.89 0.23
C TYR A 7 0.70 -8.68 0.87
N LYS A 8 -0.32 -8.11 0.12
CA LYS A 8 -1.12 -6.83 0.54
C LYS A 8 -2.69 -7.01 0.35
N GLY A 9 -3.53 -5.89 0.51
CA GLY A 9 -5.07 -5.95 0.37
C GLY A 9 -5.59 -5.14 -0.89
N PRO A 10 -7.01 -5.13 -1.12
CA PRO A 10 -7.60 -4.32 -2.32
C PRO A 10 -7.59 -2.75 -2.04
N CYS A 11 -7.74 -1.89 -3.15
CA CYS A 11 -7.75 -0.33 -2.99
C CYS A 11 -9.23 0.12 -2.65
N TYR A 12 -9.49 0.57 -1.35
CA TYR A 12 -10.89 0.99 -0.86
C TYR A 12 -10.85 2.52 -0.34
N PHE A 13 -10.73 2.82 1.04
CA PHE A 13 -10.67 4.31 1.61
C PHE A 13 -10.35 4.30 3.22
N GLY A 14 -9.48 3.32 3.70
CA GLY A 14 -9.14 3.16 5.20
C GLY A 14 -10.03 2.02 5.80
N ILE A 15 -9.42 1.07 6.60
CA ILE A 15 -10.22 -0.15 7.23
C ILE A 15 -9.45 -0.81 8.46
N ILE A 16 -8.05 -0.96 8.39
CA ILE A 16 -7.20 -1.69 9.54
C ILE A 16 -7.34 -0.97 10.98
N PRO A 17 -7.16 -1.77 12.14
CA PRO A 17 -7.17 -1.10 13.54
C PRO A 17 -5.77 -0.38 13.85
N CYS A 18 -4.59 -1.07 13.52
CA CYS A 18 -3.16 -0.47 13.77
C CYS A 18 -2.13 -1.07 12.72
N PHE A 19 -1.18 -0.20 12.16
CA PHE A 19 -0.06 -0.72 11.18
C PHE A 19 1.22 0.22 11.22
N VAL A 20 1.08 1.56 10.87
CA VAL A 20 2.29 2.58 10.88
C VAL A 20 1.80 4.09 10.97
N ARG A 21 2.70 5.01 11.54
CA ARG A 21 2.46 6.57 11.68
C ARG A 21 1.14 6.94 12.50
N GLY A 22 -0.10 6.62 11.95
CA GLY A 22 -1.43 6.95 12.62
C GLY A 22 -1.77 5.91 13.73
N CYS A 23 -2.38 4.69 13.35
CA CYS A 23 -2.84 3.55 14.34
C CYS A 23 -4.02 4.07 15.31
N LYS A 24 -3.70 5.01 16.29
CA LYS A 24 -4.77 5.54 17.37
C LYS A 24 -6.06 6.20 16.68
N PRO A 25 -5.85 7.14 15.63
CA PRO A 25 -7.09 7.72 14.87
C PRO A 25 -7.83 6.63 13.94
N LYS A 26 -7.15 5.43 13.60
CA LYS A 26 -7.74 4.26 12.70
C LYS A 26 -8.10 4.74 11.23
N LEU A 27 -8.17 3.76 10.22
CA LEU A 27 -8.49 4.03 8.70
C LEU A 27 -7.42 5.04 8.05
N PHE A 28 -6.52 4.52 7.12
CA PHE A 28 -5.41 5.40 6.41
C PHE A 28 -5.99 6.46 5.36
N ASP A 29 -7.37 6.45 5.02
CA ASP A 29 -8.09 7.42 3.96
C ASP A 29 -7.81 6.95 2.47
N ALA A 30 -6.53 6.57 2.09
CA ALA A 30 -6.19 6.04 0.67
C ALA A 30 -5.18 4.82 0.78
N HIS A 31 -5.40 3.68 -0.01
CA HIS A 31 -4.41 2.41 0.03
C HIS A 31 -2.92 2.78 -0.50
N ARG A 32 -2.73 3.96 -1.23
CA ARG A 32 -1.30 4.43 -1.78
C ARG A 32 -0.25 4.56 -0.57
N LYS A 33 -0.68 5.16 0.62
CA LYS A 33 0.25 5.31 1.89
C LYS A 33 0.61 3.87 2.51
N LEU A 34 -0.41 2.92 2.62
CA LEU A 34 -0.15 1.46 3.19
C LEU A 34 0.71 0.60 2.15
N CYS A 35 0.44 0.73 0.78
CA CYS A 35 1.24 -0.07 -0.33
C CYS A 35 2.77 0.38 -0.36
N ILE A 36 3.06 1.75 -0.38
CA ILE A 36 4.55 2.29 -0.39
C ILE A 36 5.31 1.99 1.00
N LYS A 37 4.56 2.02 2.20
CA LYS A 37 5.25 1.66 3.61
C LYS A 37 5.70 0.14 3.68
N LEU A 38 4.84 -0.82 3.17
CA LEU A 38 5.23 -2.36 3.13
C LEU A 38 6.27 -2.64 1.94
N CYS A 39 6.04 -2.00 0.71
CA CYS A 39 6.97 -2.23 -0.56
C CYS A 39 8.42 -1.61 -0.34
N LYS A 40 8.55 -0.39 0.38
CA LYS A 40 9.98 0.25 0.60
C LYS A 40 10.99 -0.68 1.43
N GLN A 41 10.45 -1.68 2.26
CA GLN A 41 11.35 -2.70 3.07
C GLN A 41 12.18 -3.62 2.05
N GLU A 42 11.54 -4.09 0.89
CA GLU A 42 12.29 -4.97 -0.19
C GLU A 42 13.29 -4.09 -1.05
N GLY A 43 12.86 -2.84 -1.54
CA GLY A 43 13.81 -1.92 -2.38
C GLY A 43 13.00 -1.00 -3.37
N PHE A 44 12.05 -0.15 -2.84
CA PHE A 44 11.18 0.83 -3.72
C PHE A 44 10.90 2.18 -2.92
N LYS A 45 10.32 3.25 -3.61
CA LYS A 45 10.01 4.64 -2.91
C LYS A 45 8.66 5.33 -3.42
N SER A 46 8.13 5.02 -4.68
CA SER A 46 6.80 5.63 -5.20
C SER A 46 5.77 4.47 -5.53
N GLY A 47 4.77 4.22 -4.59
CA GLY A 47 3.69 3.12 -4.75
C GLY A 47 2.29 3.76 -5.11
N HIS A 48 1.44 3.05 -5.97
CA HIS A 48 0.02 3.57 -6.42
C HIS A 48 -0.87 2.33 -6.92
N CYS A 49 -2.23 2.29 -6.59
CA CYS A 49 -3.16 1.11 -7.10
C CYS A 49 -3.60 1.32 -8.61
N SER A 50 -3.04 0.46 -9.60
CA SER A 50 -3.36 0.60 -11.14
C SER A 50 -2.94 -0.72 -11.99
N ASN A 51 -2.91 -1.97 -11.36
CA ASN A 51 -2.55 -3.33 -12.17
C ASN A 51 -3.64 -3.66 -13.24
N PHE A 52 -4.99 -3.42 -12.92
CA PHE A 52 -6.22 -3.79 -13.85
C PHE A 52 -6.31 -5.38 -14.14
N PHE A 53 -5.66 -6.27 -13.26
CA PHE A 53 -5.76 -7.81 -13.39
C PHE A 53 -6.50 -8.36 -12.10
N LYS A 54 -5.83 -8.33 -10.86
CA LYS A 54 -6.48 -8.83 -9.48
C LYS A 54 -5.49 -8.57 -8.22
N PHE A 55 -4.65 -7.45 -8.25
CA PHE A 55 -3.64 -7.12 -7.09
C PHE A 55 -3.94 -5.67 -6.53
N GLN A 56 -4.09 -4.62 -7.47
CA GLN A 56 -4.32 -3.11 -7.11
C GLN A 56 -3.10 -2.50 -6.25
N CYS A 57 -1.82 -2.77 -6.73
CA CYS A 57 -0.51 -2.19 -6.07
C CYS A 57 0.67 -2.16 -7.15
N TRP A 58 1.17 -0.92 -7.55
CA TRP A 58 2.28 -0.74 -8.64
C TRP A 58 3.46 0.10 -8.00
N CYS A 59 4.69 -0.52 -7.83
CA CYS A 59 5.91 0.21 -7.14
C CYS A 59 6.94 0.68 -8.24
N THR A 60 7.47 1.97 -8.13
CA THR A 60 8.52 2.53 -9.12
C THR A 60 9.77 3.06 -8.28
N ARG A 61 11.04 2.78 -8.77
CA ARG A 61 12.35 3.31 -8.05
C ARG A 61 12.59 4.79 -8.46
N ASP A 1 11.55 -6.06 -9.66
CA ASP A 1 10.60 -5.08 -8.97
C ASP A 1 10.07 -3.98 -9.99
N VAL A 2 8.72 -3.62 -9.92
CA VAL A 2 8.06 -2.55 -10.87
C VAL A 2 7.15 -1.53 -10.06
N LEU A 3 6.66 -0.43 -10.76
CA LEU A 3 5.78 0.67 -10.07
C LEU A 3 4.26 0.16 -9.99
N SER A 4 4.00 -0.95 -9.16
CA SER A 4 2.59 -1.61 -8.86
C SER A 4 1.68 -1.93 -10.14
N GLY A 5 0.91 -3.09 -10.11
CA GLY A 5 -0.12 -3.44 -11.21
C GLY A 5 -1.42 -2.50 -11.14
N LYS A 6 -1.71 -1.86 -9.93
CA LYS A 6 -2.94 -0.93 -9.70
C LYS A 6 -2.46 0.47 -9.10
N TYR A 7 -3.29 1.58 -9.25
CA TYR A 7 -2.87 3.02 -8.72
C TYR A 7 -2.85 3.09 -7.12
N LYS A 8 -2.00 4.03 -6.53
CA LYS A 8 -1.79 4.16 -4.98
C LYS A 8 -1.94 5.67 -4.47
N GLY A 9 -1.64 5.94 -3.12
CA GLY A 9 -1.72 7.36 -2.49
C GLY A 9 -0.40 7.69 -1.65
N PRO A 10 -0.45 8.83 -0.78
CA PRO A 10 0.80 9.19 0.08
C PRO A 10 0.99 8.18 1.31
N CYS A 11 2.26 8.09 1.90
CA CYS A 11 2.56 7.13 3.11
C CYS A 11 2.29 7.90 4.46
N TYR A 12 1.27 7.40 5.28
CA TYR A 12 0.84 8.06 6.63
C TYR A 12 0.69 6.89 7.75
N PHE A 13 0.05 7.16 8.95
CA PHE A 13 -0.12 6.11 10.11
C PHE A 13 -1.62 5.50 10.17
N GLY A 14 -2.43 5.58 9.02
CA GLY A 14 -3.86 4.99 8.95
C GLY A 14 -4.94 6.12 8.83
N ILE A 15 -5.82 6.06 7.75
CA ILE A 15 -6.97 7.13 7.49
C ILE A 15 -8.23 6.52 6.68
N ILE A 16 -8.11 5.34 5.94
CA ILE A 16 -9.28 4.76 5.03
C ILE A 16 -10.62 4.42 5.86
N PRO A 17 -11.89 4.67 5.23
CA PRO A 17 -13.19 4.28 5.95
C PRO A 17 -13.55 2.76 5.61
N CYS A 18 -12.85 1.75 6.31
CA CYS A 18 -13.06 0.18 6.11
C CYS A 18 -12.61 -0.27 4.66
N PHE A 19 -11.69 -1.34 4.54
CA PHE A 19 -11.24 -1.89 3.13
C PHE A 19 -10.79 -3.41 3.21
N VAL A 20 -9.72 -3.74 4.06
CA VAL A 20 -9.17 -5.22 4.19
C VAL A 20 -8.55 -5.48 5.63
N ARG A 21 -8.64 -6.78 6.16
CA ARG A 21 -8.03 -7.26 7.54
C ARG A 21 -8.51 -6.37 8.78
N GLY A 22 -8.05 -5.05 8.88
CA GLY A 22 -8.46 -4.09 9.97
C GLY A 22 -9.71 -3.27 9.50
N CYS A 23 -10.86 -3.99 9.17
CA CYS A 23 -12.21 -3.29 8.73
C CYS A 23 -13.24 -3.32 9.99
N LYS A 24 -12.72 -3.02 11.24
CA LYS A 24 -13.58 -2.95 12.54
C LYS A 24 -13.01 -1.80 13.50
N PRO A 25 -11.63 -1.88 13.93
CA PRO A 25 -11.02 -0.69 14.71
C PRO A 25 -10.62 0.54 13.73
N LYS A 26 -10.61 0.34 12.32
CA LYS A 26 -10.17 1.41 11.24
C LYS A 26 -8.67 1.90 11.45
N LEU A 27 -8.11 2.79 10.50
CA LEU A 27 -6.62 3.31 10.50
C LEU A 27 -5.60 2.08 10.38
N PHE A 28 -4.95 1.90 9.17
CA PHE A 28 -3.97 0.68 8.87
C PHE A 28 -2.62 0.68 9.71
N ASP A 29 -2.28 1.79 10.55
CA ASP A 29 -0.94 1.92 11.42
C ASP A 29 0.33 2.26 10.53
N ALA A 30 0.52 1.57 9.33
CA ALA A 30 1.71 1.89 8.34
C ALA A 30 1.24 1.61 6.85
N HIS A 31 1.60 2.51 5.84
CA HIS A 31 1.15 2.29 4.31
C HIS A 31 1.78 0.96 3.68
N ARG A 32 2.97 0.44 4.21
CA ARG A 32 3.63 -0.93 3.68
C ARG A 32 2.59 -2.14 3.81
N LYS A 33 1.76 -2.20 4.95
CA LYS A 33 0.64 -3.31 5.14
C LYS A 33 -0.51 -3.17 4.03
N LEU A 34 -1.00 -1.88 3.75
CA LEU A 34 -2.10 -1.63 2.64
C LEU A 34 -1.49 -1.79 1.18
N CYS A 35 -0.18 -1.34 0.94
CA CYS A 35 0.51 -1.42 -0.49
C CYS A 35 0.71 -2.96 -0.93
N ILE A 36 1.22 -3.85 0.03
CA ILE A 36 1.37 -5.39 -0.28
C ILE A 36 -0.06 -6.11 -0.35
N LYS A 37 -1.07 -5.72 0.55
CA LYS A 37 -2.56 -6.32 0.47
C LYS A 37 -3.29 -5.90 -0.87
N LEU A 38 -3.07 -4.62 -1.39
CA LEU A 38 -3.73 -4.15 -2.75
C LEU A 38 -2.93 -4.77 -3.98
N CYS A 39 -1.52 -4.81 -3.93
CA CYS A 39 -0.65 -5.46 -5.09
C CYS A 39 -0.82 -7.04 -5.15
N LYS A 40 -0.89 -7.78 -3.95
CA LYS A 40 -1.03 -9.38 -3.96
C LYS A 40 -2.36 -9.91 -4.65
N GLN A 41 -3.47 -9.04 -4.79
CA GLN A 41 -4.82 -9.48 -5.49
C GLN A 41 -4.57 -9.76 -7.06
N GLU A 42 -3.71 -8.92 -7.76
CA GLU A 42 -3.40 -9.12 -9.29
C GLU A 42 -2.27 -10.18 -9.49
N GLY A 43 -1.05 -10.02 -8.81
CA GLY A 43 0.10 -11.05 -8.96
C GLY A 43 1.46 -10.54 -8.36
N PHE A 44 1.49 -10.18 -7.03
CA PHE A 44 2.80 -9.68 -6.28
C PHE A 44 2.90 -10.31 -4.82
N LYS A 45 4.08 -10.09 -4.11
CA LYS A 45 4.32 -10.69 -2.67
C LYS A 45 5.02 -9.67 -1.68
N SER A 46 5.92 -8.72 -2.18
CA SER A 46 6.65 -7.71 -1.24
C SER A 46 6.40 -6.22 -1.73
N GLY A 47 5.56 -5.42 -0.95
CA GLY A 47 5.19 -3.95 -1.29
C GLY A 47 5.68 -3.00 -0.14
N HIS A 48 6.37 -1.83 -0.48
CA HIS A 48 6.91 -0.79 0.60
C HIS A 48 7.16 0.68 -0.01
N CYS A 49 7.36 1.74 0.88
CA CYS A 49 7.66 3.22 0.37
C CYS A 49 9.23 3.33 0.21
N SER A 50 9.80 3.72 -1.04
CA SER A 50 11.41 3.74 -1.25
C SER A 50 11.93 4.52 -2.57
N ASN A 51 11.12 5.45 -3.18
CA ASN A 51 11.56 6.27 -4.50
C ASN A 51 11.63 7.83 -4.24
N PHE A 52 10.76 8.41 -3.31
CA PHE A 52 10.75 9.94 -2.92
C PHE A 52 10.63 10.96 -4.18
N PHE A 53 10.13 10.48 -5.41
CA PHE A 53 9.88 11.44 -6.61
C PHE A 53 8.37 11.88 -6.56
N LYS A 54 7.38 10.89 -6.76
CA LYS A 54 5.81 11.17 -6.69
C LYS A 54 4.95 9.79 -6.81
N PHE A 55 5.52 8.62 -6.32
CA PHE A 55 4.81 7.22 -6.40
C PHE A 55 4.62 6.66 -4.94
N GLN A 56 5.76 6.64 -4.10
CA GLN A 56 5.81 6.08 -2.64
C GLN A 56 5.26 4.57 -2.47
N CYS A 57 5.30 3.72 -3.57
CA CYS A 57 4.93 2.19 -3.49
C CYS A 57 5.81 1.36 -4.53
N TRP A 58 6.74 0.45 -4.02
CA TRP A 58 7.63 -0.46 -4.90
C TRP A 58 7.11 -1.93 -4.64
N CYS A 59 6.33 -2.53 -5.62
CA CYS A 59 5.74 -3.98 -5.43
C CYS A 59 6.59 -4.98 -6.28
N THR A 60 7.10 -6.11 -5.64
CA THR A 60 8.05 -7.14 -6.35
C THR A 60 7.33 -8.55 -6.44
N ARG A 61 7.45 -9.26 -7.63
CA ARG A 61 6.78 -10.69 -7.86
C ARG A 61 7.59 -11.81 -7.12
N ASP A 1 14.38 -2.49 -7.84
CA ASP A 1 12.89 -2.33 -7.50
C ASP A 1 12.07 -3.64 -7.84
N VAL A 2 11.07 -4.03 -6.96
CA VAL A 2 10.19 -5.31 -7.18
C VAL A 2 8.67 -4.85 -7.21
N LEU A 3 7.84 -5.36 -8.22
CA LEU A 3 6.33 -4.97 -8.34
C LEU A 3 5.43 -5.72 -7.24
N SER A 4 5.35 -5.11 -5.96
CA SER A 4 4.53 -5.68 -4.73
C SER A 4 4.87 -7.20 -4.37
N GLY A 5 5.65 -7.44 -3.24
CA GLY A 5 6.03 -8.86 -2.78
C GLY A 5 4.84 -9.60 -2.01
N LYS A 6 3.74 -8.86 -1.55
CA LYS A 6 2.56 -9.50 -0.72
C LYS A 6 1.14 -9.25 -1.43
N TYR A 7 1.07 -9.23 -2.85
CA TYR A 7 -0.26 -9.02 -3.70
C TYR A 7 -0.89 -7.56 -3.42
N LYS A 8 -2.29 -7.36 -3.32
CA LYS A 8 -3.02 -5.95 -3.11
C LYS A 8 -2.70 -4.96 -4.34
N GLY A 9 -3.04 -3.60 -4.21
CA GLY A 9 -2.72 -2.55 -5.31
C GLY A 9 -3.95 -1.80 -5.99
N PRO A 10 -5.30 -1.97 -5.50
CA PRO A 10 -6.43 -1.12 -6.18
C PRO A 10 -6.36 0.39 -5.68
N CYS A 11 -6.36 1.41 -6.62
CA CYS A 11 -6.23 2.94 -6.25
C CYS A 11 -7.62 3.65 -6.52
N TYR A 12 -8.32 4.14 -5.41
CA TYR A 12 -9.69 4.86 -5.52
C TYR A 12 -9.65 6.21 -4.62
N PHE A 13 -9.95 6.13 -3.23
CA PHE A 13 -9.95 7.39 -2.26
C PHE A 13 -10.06 6.93 -0.70
N GLY A 14 -9.50 5.69 -0.34
CA GLY A 14 -9.57 5.14 1.09
C GLY A 14 -10.83 4.23 1.23
N ILE A 15 -10.65 2.94 1.72
CA ILE A 15 -11.84 1.93 1.91
C ILE A 15 -11.56 0.83 3.07
N ILE A 16 -10.44 0.94 3.91
CA ILE A 16 -10.11 -0.14 5.03
C ILE A 16 -11.10 -0.04 6.29
N PRO A 17 -11.47 -1.27 6.95
CA PRO A 17 -12.27 -1.22 8.26
C PRO A 17 -11.24 -1.30 9.50
N CYS A 18 -10.48 -0.13 9.78
CA CYS A 18 -9.35 -0.02 10.90
C CYS A 18 -8.11 -0.92 10.52
N PHE A 19 -6.82 -0.32 10.41
CA PHE A 19 -5.55 -1.16 10.00
C PHE A 19 -4.18 -0.46 10.39
N VAL A 20 -4.05 0.91 10.23
CA VAL A 20 -2.68 1.68 10.49
C VAL A 20 -2.94 3.00 11.39
N ARG A 21 -2.13 4.16 11.22
CA ARG A 21 -2.29 5.48 12.11
C ARG A 21 -3.79 6.06 12.02
N GLY A 22 -4.43 6.02 10.79
CA GLY A 22 -5.89 6.49 10.59
C GLY A 22 -6.83 5.25 10.80
N CYS A 23 -6.79 4.59 12.03
CA CYS A 23 -7.71 3.34 12.35
C CYS A 23 -9.15 3.86 12.76
N LYS A 24 -9.24 4.80 13.79
CA LYS A 24 -10.64 5.37 14.31
C LYS A 24 -11.37 6.24 13.19
N PRO A 25 -10.60 7.25 12.52
CA PRO A 25 -11.27 8.10 11.40
C PRO A 25 -11.56 7.25 10.06
N LYS A 26 -10.82 6.07 9.81
CA LYS A 26 -10.97 5.14 8.53
C LYS A 26 -10.69 5.92 7.18
N LEU A 27 -10.66 5.17 5.98
CA LEU A 27 -10.33 5.77 4.55
C LEU A 27 -8.89 6.50 4.52
N PHE A 28 -7.85 5.82 3.92
CA PHE A 28 -6.37 6.41 3.86
C PHE A 28 -6.19 7.62 2.83
N ASP A 29 -7.27 8.02 2.01
CA ASP A 29 -7.21 9.17 0.89
C ASP A 29 -6.43 8.71 -0.40
N ALA A 30 -5.17 8.11 -0.26
CA ALA A 30 -4.35 7.58 -1.47
C ALA A 30 -3.71 6.19 -1.10
N HIS A 31 -3.77 5.15 -2.04
CA HIS A 31 -3.17 3.69 -1.72
C HIS A 31 -1.58 3.72 -1.45
N ARG A 32 -0.82 4.84 -1.85
CA ARG A 32 0.75 4.96 -1.60
C ARG A 32 1.10 4.78 -0.05
N LYS A 33 0.22 5.33 0.91
CA LYS A 33 0.46 5.13 2.49
C LYS A 33 0.33 3.60 2.88
N LEU A 34 -0.75 2.88 2.35
CA LEU A 34 -0.95 1.33 2.63
C LEU A 34 0.15 0.46 1.87
N CYS A 35 0.55 0.86 0.58
CA CYS A 35 1.59 0.01 -0.28
C CYS A 35 3.02 -0.01 0.43
N ILE A 36 3.53 1.21 0.92
CA ILE A 36 4.91 1.27 1.69
C ILE A 36 4.81 0.65 3.16
N LYS A 37 3.63 0.84 3.91
CA LYS A 37 3.48 0.24 5.40
C LYS A 37 3.31 -1.35 5.39
N LEU A 38 2.56 -1.93 4.37
CA LEU A 38 2.36 -3.49 4.26
C LEU A 38 3.64 -4.16 3.60
N CYS A 39 4.25 -3.53 2.51
CA CYS A 39 5.53 -4.11 1.77
C CYS A 39 6.82 -3.99 2.68
N LYS A 40 7.00 -2.84 3.48
CA LYS A 40 8.30 -2.65 4.38
C LYS A 40 8.52 -3.83 5.46
N GLN A 41 7.40 -4.58 5.85
CA GLN A 41 7.52 -5.81 6.85
C GLN A 41 8.35 -7.01 6.17
N GLU A 42 8.14 -7.28 4.80
CA GLU A 42 8.96 -8.41 4.04
C GLU A 42 10.48 -7.97 3.85
N GLY A 43 10.75 -6.68 3.39
CA GLY A 43 12.21 -6.16 3.22
C GLY A 43 12.30 -4.94 2.25
N PHE A 44 11.51 -3.83 2.52
CA PHE A 44 11.53 -2.53 1.64
C PHE A 44 11.35 -1.22 2.53
N LYS A 45 11.42 0.02 1.89
CA LYS A 45 11.30 1.39 2.67
C LYS A 45 10.64 2.56 1.83
N SER A 46 10.71 2.55 0.43
CA SER A 46 10.07 3.65 -0.44
C SER A 46 9.17 3.00 -1.57
N GLY A 47 7.78 3.13 -1.45
CA GLY A 47 6.77 2.50 -2.46
C GLY A 47 5.72 3.55 -2.97
N HIS A 48 5.05 3.26 -4.18
CA HIS A 48 3.97 4.25 -4.82
C HIS A 48 3.02 3.54 -5.91
N CYS A 49 1.84 4.20 -6.24
CA CYS A 49 0.83 3.68 -7.35
C CYS A 49 1.25 4.37 -8.73
N SER A 50 1.81 3.55 -9.72
CA SER A 50 2.30 4.10 -11.15
C SER A 50 2.82 2.91 -12.13
N ASN A 51 2.32 1.60 -11.97
CA ASN A 51 2.80 0.40 -12.94
C ASN A 51 2.35 0.64 -14.43
N PHE A 52 1.07 1.18 -14.65
CA PHE A 52 0.42 1.40 -16.07
C PHE A 52 0.27 0.04 -16.92
N PHE A 53 0.32 -1.20 -16.23
CA PHE A 53 0.11 -2.56 -16.91
C PHE A 53 -1.23 -3.20 -16.35
N LYS A 54 -1.26 -3.64 -15.00
CA LYS A 54 -2.55 -4.28 -14.32
C LYS A 54 -2.36 -4.57 -12.73
N PHE A 55 -1.45 -3.79 -12.01
CA PHE A 55 -1.16 -4.04 -10.46
C PHE A 55 -1.47 -2.72 -9.65
N GLN A 56 -0.91 -1.51 -10.13
CA GLN A 56 -1.05 -0.11 -9.43
C GLN A 56 -0.43 -0.10 -7.94
N CYS A 57 0.76 -0.79 -7.76
CA CYS A 57 1.57 -0.79 -6.41
C CYS A 57 3.08 -1.11 -6.74
N TRP A 58 4.06 -0.26 -6.25
CA TRP A 58 5.58 -0.44 -6.57
C TRP A 58 6.38 -0.46 -5.23
N CYS A 59 7.49 -1.29 -5.13
CA CYS A 59 8.38 -1.34 -3.83
C CYS A 59 9.88 -1.13 -4.25
N THR A 60 10.63 -0.17 -3.57
CA THR A 60 12.13 0.11 -3.89
C THR A 60 12.97 0.02 -2.54
N ARG A 61 14.21 -0.60 -2.59
CA ARG A 61 15.15 -0.72 -1.34
C ARG A 61 15.94 0.62 -1.16
N ASP A 1 5.89 -2.86 -14.41
CA ASP A 1 5.31 -1.84 -13.38
C ASP A 1 3.82 -1.52 -13.77
N VAL A 2 2.82 -1.70 -12.81
CA VAL A 2 1.29 -1.46 -13.12
C VAL A 2 0.55 -0.67 -11.96
N LEU A 3 -0.73 -0.17 -12.24
CA LEU A 3 -1.59 0.60 -11.16
C LEU A 3 -2.29 -0.44 -10.18
N SER A 4 -1.45 -1.14 -9.28
CA SER A 4 -1.90 -2.20 -8.21
C SER A 4 -2.84 -3.35 -8.77
N GLY A 5 -2.35 -4.68 -8.74
CA GLY A 5 -3.18 -5.91 -9.18
C GLY A 5 -4.41 -6.16 -8.21
N LYS A 6 -4.22 -5.96 -6.85
CA LYS A 6 -5.37 -6.19 -5.79
C LYS A 6 -6.23 -4.87 -5.52
N TYR A 7 -5.79 -3.60 -6.05
CA TYR A 7 -6.54 -2.22 -5.87
C TYR A 7 -6.58 -1.77 -4.34
N LYS A 8 -6.44 -0.42 -4.06
CA LYS A 8 -6.45 0.15 -2.59
C LYS A 8 -7.12 1.61 -2.51
N GLY A 9 -7.09 2.27 -1.28
CA GLY A 9 -7.78 3.64 -1.04
C GLY A 9 -6.77 4.86 -1.22
N PRO A 10 -7.21 6.12 -0.69
CA PRO A 10 -6.29 7.37 -0.81
C PRO A 10 -5.07 7.33 0.22
N CYS A 11 -4.01 8.19 -0.01
CA CYS A 11 -2.75 8.27 0.94
C CYS A 11 -3.00 9.44 1.98
N TYR A 12 -3.19 9.10 3.33
CA TYR A 12 -3.48 10.15 4.44
C TYR A 12 -2.29 10.10 5.54
N PHE A 13 -2.41 9.25 6.67
CA PHE A 13 -1.30 9.18 7.81
C PHE A 13 -1.54 7.91 8.79
N GLY A 14 -2.17 6.76 8.28
CA GLY A 14 -2.48 5.52 9.12
C GLY A 14 -3.96 5.59 9.63
N ILE A 15 -4.74 4.44 9.54
CA ILE A 15 -6.23 4.37 10.02
C ILE A 15 -6.69 2.87 10.41
N ILE A 16 -6.13 1.80 9.71
CA ILE A 16 -6.58 0.28 9.95
C ILE A 16 -6.31 -0.20 11.47
N PRO A 17 -7.23 -1.17 12.03
CA PRO A 17 -6.94 -1.78 13.41
C PRO A 17 -6.29 -3.22 13.17
N CYS A 18 -4.91 -3.38 13.43
CA CYS A 18 -4.07 -4.70 13.17
C CYS A 18 -4.06 -5.09 11.63
N PHE A 19 -2.83 -5.22 10.99
CA PHE A 19 -2.73 -5.67 9.46
C PHE A 19 -1.26 -6.13 9.07
N VAL A 20 -0.19 -5.43 9.60
CA VAL A 20 1.31 -5.75 9.24
C VAL A 20 2.09 -6.36 10.51
N ARG A 21 3.49 -6.38 10.50
CA ARG A 21 4.36 -6.99 11.68
C ARG A 21 4.04 -6.30 13.09
N GLY A 22 3.75 -4.93 13.09
CA GLY A 22 3.48 -4.13 14.38
C GLY A 22 2.18 -4.59 15.13
N CYS A 23 0.91 -4.25 14.58
CA CYS A 23 -0.52 -4.61 15.28
C CYS A 23 -0.50 -4.28 16.90
N LYS A 24 0.27 -3.20 17.31
CA LYS A 24 0.40 -2.78 18.81
C LYS A 24 0.27 -1.20 18.95
N PRO A 25 1.22 -0.35 18.26
CA PRO A 25 1.02 1.18 18.33
C PRO A 25 -0.23 1.69 17.44
N LYS A 26 -0.80 0.82 16.46
CA LYS A 26 -1.98 1.20 15.47
C LYS A 26 -1.58 2.41 14.52
N LEU A 27 -2.37 2.63 13.35
CA LEU A 27 -2.05 3.75 12.27
C LEU A 27 -0.62 3.50 11.61
N PHE A 28 -0.58 3.04 10.30
CA PHE A 28 0.78 2.69 9.55
C PHE A 28 1.72 3.94 9.25
N ASP A 29 1.28 5.26 9.54
CA ASP A 29 2.12 6.60 9.27
C ASP A 29 2.16 7.00 7.74
N ALA A 30 2.41 6.03 6.79
CA ALA A 30 2.42 6.33 5.25
C ALA A 30 1.79 5.14 4.46
N HIS A 31 0.87 5.41 3.43
CA HIS A 31 0.18 4.24 2.56
C HIS A 31 1.25 3.40 1.71
N ARG A 32 2.56 3.94 1.53
CA ARG A 32 3.75 3.15 0.78
C ARG A 32 4.00 1.73 1.49
N LYS A 33 4.00 1.68 2.90
CA LYS A 33 4.21 0.33 3.71
C LYS A 33 2.99 -0.68 3.47
N LEU A 34 1.69 -0.14 3.44
CA LEU A 34 0.42 -1.06 3.16
C LEU A 34 0.39 -1.50 1.64
N CYS A 35 0.73 -0.54 0.66
CA CYS A 35 0.77 -0.88 -0.88
C CYS A 35 1.84 -2.00 -1.23
N ILE A 36 3.13 -1.88 -0.70
CA ILE A 36 4.25 -2.97 -1.00
C ILE A 36 3.98 -4.34 -0.23
N LYS A 37 3.43 -4.31 1.05
CA LYS A 37 3.14 -5.64 1.88
C LYS A 37 1.96 -6.49 1.26
N LEU A 38 0.86 -5.83 0.74
CA LEU A 38 -0.37 -6.60 0.10
C LEU A 38 -0.06 -6.93 -1.43
N CYS A 39 0.59 -5.97 -2.22
CA CYS A 39 0.96 -6.20 -3.75
C CYS A 39 2.09 -7.29 -3.92
N LYS A 40 3.14 -7.34 -2.97
CA LYS A 40 4.32 -8.42 -3.09
C LYS A 40 3.78 -9.94 -3.12
N GLN A 41 2.53 -10.20 -2.52
CA GLN A 41 1.85 -11.63 -2.55
C GLN A 41 1.48 -12.05 -4.07
N GLU A 42 0.99 -11.04 -4.93
CA GLU A 42 0.65 -11.33 -6.45
C GLU A 42 1.98 -11.55 -7.30
N GLY A 43 3.08 -10.70 -7.08
CA GLY A 43 4.43 -10.87 -7.84
C GLY A 43 5.17 -9.50 -8.02
N PHE A 44 5.41 -8.74 -6.88
CA PHE A 44 6.12 -7.34 -6.92
C PHE A 44 7.11 -7.18 -5.68
N LYS A 45 7.92 -6.05 -5.64
CA LYS A 45 8.96 -5.79 -4.48
C LYS A 45 9.10 -4.28 -4.06
N SER A 46 8.87 -3.26 -5.01
CA SER A 46 8.99 -1.76 -4.66
C SER A 46 7.64 -1.02 -5.05
N GLY A 47 6.82 -0.58 -4.00
CA GLY A 47 5.46 0.14 -4.23
C GLY A 47 5.39 1.46 -3.39
N HIS A 48 4.67 2.55 -3.93
CA HIS A 48 4.54 3.95 -3.19
C HIS A 48 3.31 4.82 -3.72
N CYS A 49 2.86 5.89 -2.91
CA CYS A 49 1.73 6.89 -3.36
C CYS A 49 2.39 8.21 -3.96
N SER A 50 2.14 8.52 -5.31
CA SER A 50 2.75 9.81 -6.04
C SER A 50 2.16 10.03 -7.51
N ASN A 51 0.85 9.64 -7.78
CA ASN A 51 0.19 9.81 -9.22
C ASN A 51 -0.90 10.94 -9.23
N PHE A 52 -1.72 11.10 -8.09
CA PHE A 52 -2.86 12.20 -7.97
C PHE A 52 -3.95 12.13 -9.16
N PHE A 53 -4.12 10.92 -9.89
CA PHE A 53 -5.22 10.77 -10.98
C PHE A 53 -6.59 10.42 -10.28
N LYS A 54 -6.66 9.23 -9.53
CA LYS A 54 -7.96 8.78 -8.72
C LYS A 54 -7.73 7.38 -7.94
N PHE A 55 -6.46 7.13 -7.39
CA PHE A 55 -6.14 5.80 -6.60
C PHE A 55 -5.01 5.99 -5.51
N GLN A 56 -3.90 6.81 -5.80
CA GLN A 56 -2.70 7.10 -4.80
C GLN A 56 -2.02 5.75 -4.21
N CYS A 57 -1.80 4.72 -5.12
CA CYS A 57 -1.05 3.38 -4.74
C CYS A 57 -0.43 2.78 -6.08
N TRP A 58 0.94 2.62 -6.16
CA TRP A 58 1.67 2.12 -7.46
C TRP A 58 2.58 0.88 -7.11
N CYS A 59 2.80 -0.06 -8.13
CA CYS A 59 3.71 -1.33 -7.90
C CYS A 59 4.78 -1.41 -9.05
N THR A 60 6.09 -1.69 -8.69
CA THR A 60 7.25 -1.84 -9.72
C THR A 60 7.95 -3.24 -9.49
N ARG A 61 8.25 -4.01 -10.61
CA ARG A 61 8.99 -5.39 -10.52
C ARG A 61 10.53 -5.15 -10.51
N ASP A 1 12.69 0.05 -9.44
CA ASP A 1 11.38 -0.43 -8.80
C ASP A 1 11.18 -1.98 -8.96
N VAL A 2 10.74 -2.71 -7.86
CA VAL A 2 10.52 -4.27 -7.89
C VAL A 2 9.20 -4.69 -7.12
N LEU A 3 8.80 -6.03 -7.19
CA LEU A 3 7.51 -6.55 -6.47
C LEU A 3 7.67 -6.54 -4.88
N SER A 4 6.53 -6.33 -4.10
CA SER A 4 6.58 -6.25 -2.53
C SER A 4 6.91 -7.63 -1.87
N GLY A 5 7.68 -7.63 -0.70
CA GLY A 5 8.01 -8.92 0.10
C GLY A 5 6.72 -9.50 0.81
N LYS A 6 5.83 -8.59 1.38
CA LYS A 6 4.50 -9.05 2.09
C LYS A 6 3.33 -9.15 1.01
N TYR A 7 2.08 -9.64 1.41
CA TYR A 7 0.89 -9.79 0.38
C TYR A 7 0.26 -8.36 0.02
N LYS A 8 -0.19 -8.18 -1.28
CA LYS A 8 -0.76 -6.79 -1.81
C LYS A 8 -2.33 -6.72 -1.66
N GLY A 9 -2.94 -5.45 -1.74
CA GLY A 9 -4.47 -5.22 -1.62
C GLY A 9 -5.07 -4.58 -2.95
N PRO A 10 -6.50 -4.64 -3.13
CA PRO A 10 -7.15 -4.00 -4.38
C PRO A 10 -7.19 -2.40 -4.31
N CYS A 11 -7.32 -1.70 -5.51
CA CYS A 11 -7.44 -0.12 -5.56
C CYS A 11 -8.95 0.27 -5.76
N TYR A 12 -9.54 1.15 -4.85
CA TYR A 12 -11.02 1.61 -4.95
C TYR A 12 -11.13 3.18 -4.55
N PHE A 13 -11.42 3.54 -3.21
CA PHE A 13 -11.53 5.05 -2.69
C PHE A 13 -11.70 5.09 -1.06
N GLY A 14 -11.11 4.07 -0.30
CA GLY A 14 -11.22 3.98 1.23
C GLY A 14 -12.11 2.76 1.63
N ILE A 15 -11.56 1.81 2.49
CA ILE A 15 -12.34 0.55 3.00
C ILE A 15 -11.85 0.07 4.45
N ILE A 16 -10.50 0.18 4.80
CA ILE A 16 -9.94 -0.31 6.21
C ILE A 16 -10.51 0.57 7.42
N PRO A 17 -10.77 -0.08 8.68
CA PRO A 17 -11.27 0.74 9.88
C PRO A 17 -10.04 1.41 10.63
N CYS A 18 -8.98 0.59 11.03
CA CYS A 18 -7.70 1.14 11.74
C CYS A 18 -6.42 0.38 11.23
N PHE A 19 -5.29 1.15 10.91
CA PHE A 19 -3.95 0.50 10.37
C PHE A 19 -2.73 1.50 10.52
N VAL A 20 -2.93 2.81 10.11
CA VAL A 20 -1.83 3.94 10.20
C VAL A 20 -2.44 5.21 10.98
N ARG A 21 -1.93 6.51 10.72
CA ARG A 21 -2.48 7.82 11.47
C ARG A 21 -4.05 8.01 11.24
N GLY A 22 -4.60 7.64 10.01
CA GLY A 22 -6.09 7.78 9.67
C GLY A 22 -6.89 6.53 10.18
N CYS A 23 -6.86 6.24 11.55
CA CYS A 23 -7.69 5.06 12.19
C CYS A 23 -9.09 5.64 12.62
N LYS A 24 -9.10 6.65 13.58
CA LYS A 24 -10.45 7.29 14.09
C LYS A 24 -11.28 8.06 12.96
N PRO A 25 -10.56 8.76 11.92
CA PRO A 25 -11.37 9.35 10.73
C PRO A 25 -11.88 8.20 9.71
N LYS A 26 -11.22 6.94 9.70
CA LYS A 26 -11.56 5.72 8.74
C LYS A 26 -11.38 6.10 7.20
N LEU A 27 -11.28 5.03 6.27
CA LEU A 27 -11.06 5.20 4.71
C LEU A 27 -9.70 5.98 4.39
N PHE A 28 -8.66 5.27 3.78
CA PHE A 28 -7.26 5.93 3.44
C PHE A 28 -7.29 6.89 2.17
N ASP A 29 -8.51 7.15 1.49
CA ASP A 29 -8.68 8.04 0.19
C ASP A 29 -8.12 7.29 -1.06
N ALA A 30 -6.82 6.81 -1.03
CA ALA A 30 -6.18 6.03 -2.20
C ALA A 30 -5.31 4.83 -1.65
N HIS A 31 -5.27 3.66 -2.41
CA HIS A 31 -4.37 2.42 -2.01
C HIS A 31 -2.78 2.73 -2.14
N ARG A 32 -2.34 3.91 -2.80
CA ARG A 32 -0.80 4.36 -2.87
C ARG A 32 -0.21 4.57 -1.39
N LYS A 33 -1.05 5.18 -0.43
CA LYS A 33 -0.60 5.40 1.09
C LYS A 33 -0.34 3.97 1.80
N LEU A 34 -1.22 2.91 1.52
CA LEU A 34 -1.01 1.45 2.12
C LEU A 34 0.27 0.75 1.50
N CYS A 35 0.50 0.92 0.12
CA CYS A 35 1.77 0.29 -0.61
C CYS A 35 3.13 0.89 -0.04
N ILE A 36 3.22 2.26 0.16
CA ILE A 36 4.53 2.94 0.72
C ILE A 36 4.67 2.71 2.29
N LYS A 37 3.53 2.82 3.10
CA LYS A 37 3.57 2.59 4.67
C LYS A 37 3.84 1.07 5.06
N LEU A 38 3.26 0.07 4.28
CA LEU A 38 3.49 -1.46 4.60
C LEU A 38 4.90 -1.94 4.06
N CYS A 39 5.32 -1.54 2.79
CA CYS A 39 6.74 -1.95 2.20
C CYS A 39 7.93 -1.26 2.97
N LYS A 40 7.79 0.09 3.39
CA LYS A 40 8.97 0.85 4.13
C LYS A 40 9.41 0.17 5.51
N GLN A 41 8.48 -0.64 6.19
CA GLN A 41 8.83 -1.42 7.53
C GLN A 41 9.90 -2.58 7.23
N GLU A 42 9.77 -3.33 6.05
CA GLU A 42 10.78 -4.48 5.68
C GLU A 42 12.08 -3.88 5.02
N GLY A 43 11.96 -3.03 3.91
CA GLY A 43 13.21 -2.42 3.22
C GLY A 43 12.87 -1.64 1.89
N PHE A 44 11.95 -0.62 1.93
CA PHE A 44 11.56 0.29 0.70
C PHE A 44 11.38 1.81 1.13
N LYS A 45 10.99 2.73 0.15
CA LYS A 45 10.79 4.26 0.44
C LYS A 45 9.63 4.91 -0.42
N SER A 46 9.43 4.49 -1.74
CA SER A 46 8.34 5.10 -2.66
C SER A 46 7.47 3.96 -3.32
N GLY A 47 6.12 3.89 -2.99
CA GLY A 47 5.15 2.82 -3.56
C GLY A 47 4.01 3.47 -4.43
N HIS A 48 3.40 2.69 -5.44
CA HIS A 48 2.26 3.24 -6.38
C HIS A 48 1.30 2.10 -6.97
N CYS A 49 0.09 2.51 -7.52
CA CYS A 49 -0.96 1.54 -8.18
C CYS A 49 -0.99 1.86 -9.73
N SER A 50 -0.48 0.88 -10.61
CA SER A 50 -0.44 1.05 -12.19
C SER A 50 -0.02 -0.31 -12.97
N ASN A 51 -0.30 -1.56 -12.39
CA ASN A 51 0.09 -2.92 -13.11
C ASN A 51 -1.16 -3.63 -13.74
N PHE A 52 -2.40 -3.51 -13.10
CA PHE A 52 -3.77 -4.11 -13.64
C PHE A 52 -3.70 -5.67 -14.05
N PHE A 53 -2.72 -6.49 -13.47
CA PHE A 53 -2.67 -8.03 -13.75
C PHE A 53 -3.66 -8.76 -12.76
N LYS A 54 -3.39 -8.70 -11.39
CA LYS A 54 -4.31 -9.35 -10.29
C LYS A 54 -3.96 -8.84 -8.79
N PHE A 55 -3.37 -7.57 -8.64
CA PHE A 55 -3.02 -6.95 -7.23
C PHE A 55 -2.99 -5.37 -7.25
N GLN A 56 -2.44 -4.72 -8.37
CA GLN A 56 -2.36 -3.17 -8.57
C GLN A 56 -1.52 -2.42 -7.39
N CYS A 57 -0.33 -3.00 -6.99
CA CYS A 57 0.63 -2.34 -5.92
C CYS A 57 2.14 -2.66 -6.29
N TRP A 58 3.01 -1.59 -6.49
CA TRP A 58 4.54 -1.75 -6.82
C TRP A 58 5.35 -0.92 -5.76
N CYS A 59 6.52 -1.46 -5.25
CA CYS A 59 7.37 -0.71 -4.17
C CYS A 59 8.84 -0.51 -4.70
N THR A 60 9.50 0.71 -4.42
CA THR A 60 10.91 1.08 -5.00
C THR A 60 11.94 1.36 -3.83
N ARG A 61 13.22 0.78 -3.95
CA ARG A 61 14.37 0.96 -2.87
C ARG A 61 14.96 2.42 -2.88
N ASP A 1 10.26 -0.89 -12.44
CA ASP A 1 8.94 -1.09 -11.67
C ASP A 1 8.48 -2.60 -11.68
N VAL A 2 7.90 -3.11 -10.52
CA VAL A 2 7.43 -4.59 -10.37
C VAL A 2 5.95 -4.65 -9.73
N LEU A 3 5.16 -5.76 -10.02
CA LEU A 3 3.71 -5.95 -9.44
C LEU A 3 3.77 -6.42 -7.91
N SER A 4 4.24 -5.48 -6.96
CA SER A 4 4.37 -5.73 -5.40
C SER A 4 5.28 -6.99 -5.03
N GLY A 5 6.47 -6.76 -4.32
CA GLY A 5 7.41 -7.90 -3.85
C GLY A 5 6.72 -8.83 -2.77
N LYS A 6 5.91 -8.22 -1.82
CA LYS A 6 5.14 -9.02 -0.71
C LYS A 6 3.61 -9.04 -1.07
N TYR A 7 2.87 -10.20 -0.76
CA TYR A 7 1.32 -10.29 -1.10
C TYR A 7 0.47 -9.40 -0.09
N LYS A 8 -0.59 -8.67 -0.61
CA LYS A 8 -1.44 -7.65 0.24
C LYS A 8 -3.01 -7.86 0.08
N GLY A 9 -3.85 -6.97 0.78
CA GLY A 9 -5.41 -7.12 0.82
C GLY A 9 -6.14 -6.25 -0.29
N PRO A 10 -7.55 -6.05 -0.14
CA PRO A 10 -8.34 -5.24 -1.20
C PRO A 10 -8.06 -3.66 -1.08
N CYS A 11 -8.32 -2.88 -2.21
CA CYS A 11 -8.16 -1.33 -2.23
C CYS A 11 -9.59 -0.72 -1.93
N TYR A 12 -9.86 -0.32 -0.61
CA TYR A 12 -11.26 0.20 -0.15
C TYR A 12 -11.15 1.71 0.39
N PHE A 13 -10.97 1.97 1.77
CA PHE A 13 -10.91 3.44 2.37
C PHE A 13 -10.33 3.46 3.89
N GLY A 14 -9.48 2.44 4.31
CA GLY A 14 -8.90 2.35 5.73
C GLY A 14 -9.71 1.30 6.54
N ILE A 15 -9.00 0.31 7.24
CA ILE A 15 -9.71 -0.81 8.06
C ILE A 15 -8.83 -1.33 9.31
N ILE A 16 -7.42 -1.29 9.23
CA ILE A 16 -6.50 -1.86 10.39
C ILE A 16 -6.63 -1.01 11.75
N PRO A 17 -6.43 -1.70 12.99
CA PRO A 17 -6.51 -0.91 14.32
C PRO A 17 -5.17 -0.09 14.58
N CYS A 18 -3.95 -0.73 14.38
CA CYS A 18 -2.57 -0.02 14.58
C CYS A 18 -1.50 -0.67 13.60
N PHE A 19 -0.72 0.19 12.81
CA PHE A 19 0.42 -0.36 11.84
C PHE A 19 1.36 0.80 11.33
N VAL A 20 0.76 1.99 10.94
CA VAL A 20 1.55 3.23 10.36
C VAL A 20 1.27 4.53 11.26
N ARG A 21 1.65 5.80 10.76
CA ARG A 21 1.45 7.15 11.59
C ARG A 21 -0.09 7.37 12.06
N GLY A 22 -1.11 6.72 11.34
CA GLY A 22 -2.60 6.85 11.70
C GLY A 22 -3.11 5.71 12.69
N CYS A 23 -2.21 5.14 13.63
CA CYS A 23 -2.68 4.07 14.73
C CYS A 23 -3.76 4.72 15.71
N LYS A 24 -3.44 5.96 16.28
CA LYS A 24 -4.42 6.71 17.29
C LYS A 24 -5.77 7.16 16.57
N PRO A 25 -5.68 7.86 15.32
CA PRO A 25 -6.99 8.26 14.58
C PRO A 25 -7.74 7.00 13.90
N LYS A 26 -7.02 5.81 13.65
CA LYS A 26 -7.61 4.50 12.96
C LYS A 26 -8.12 4.78 11.48
N LEU A 27 -8.18 3.69 10.58
CA LEU A 27 -8.61 3.77 9.05
C LEU A 27 -7.61 4.75 8.26
N PHE A 28 -6.70 4.18 7.38
CA PHE A 28 -5.64 5.04 6.56
C PHE A 28 -6.26 5.98 5.43
N ASP A 29 -7.65 5.93 5.13
CA ASP A 29 -8.40 6.80 4.02
C ASP A 29 -8.15 6.25 2.55
N ALA A 30 -6.88 5.85 2.18
CA ALA A 30 -6.56 5.25 0.78
C ALA A 30 -5.46 4.12 0.90
N HIS A 31 -5.63 2.92 0.19
CA HIS A 31 -4.57 1.70 0.27
C HIS A 31 -3.09 2.15 -0.21
N ARG A 32 -2.93 3.31 -0.97
CA ARG A 32 -1.50 3.86 -1.43
C ARG A 32 -0.53 4.10 -0.17
N LYS A 33 -1.05 4.64 1.01
CA LYS A 33 -0.15 4.87 2.31
C LYS A 33 0.32 3.48 2.92
N LEU A 34 -0.61 2.45 3.02
CA LEU A 34 -0.25 1.01 3.54
C LEU A 34 0.64 0.21 2.47
N CYS A 35 0.38 0.43 1.10
CA CYS A 35 1.19 -0.32 -0.05
C CYS A 35 2.73 0.11 -0.02
N ILE A 36 3.05 1.46 0.01
CA ILE A 36 4.55 1.98 0.09
C ILE A 36 5.21 1.69 1.51
N LYS A 37 4.42 1.77 2.67
CA LYS A 37 4.99 1.44 4.12
C LYS A 37 5.38 -0.10 4.27
N LEU A 38 4.58 -1.05 3.66
CA LEU A 38 4.91 -2.60 3.69
C LEU A 38 6.00 -2.94 2.58
N CYS A 39 5.89 -2.32 1.32
CA CYS A 39 6.90 -2.61 0.13
C CYS A 39 8.34 -2.01 0.45
N LYS A 40 8.44 -0.77 1.14
CA LYS A 40 9.85 -0.13 1.47
C LYS A 40 10.78 -1.08 2.39
N GLN A 41 10.17 -2.07 3.16
CA GLN A 41 10.99 -3.09 4.06
C GLN A 41 11.91 -4.02 3.13
N GLU A 42 11.37 -4.50 1.91
CA GLU A 42 12.21 -5.38 0.91
C GLU A 42 13.30 -4.49 0.16
N GLY A 43 12.92 -3.24 -0.35
CA GLY A 43 13.93 -2.30 -1.08
C GLY A 43 13.22 -1.41 -2.15
N PHE A 44 12.20 -0.58 -1.72
CA PHE A 44 11.38 0.36 -2.67
C PHE A 44 11.07 1.75 -1.96
N LYS A 45 10.60 2.78 -2.75
CA LYS A 45 10.30 4.22 -2.18
C LYS A 45 8.97 4.86 -2.75
N SER A 46 8.51 4.50 -4.03
CA SER A 46 7.20 5.06 -4.64
C SER A 46 6.20 3.87 -4.97
N GLY A 47 5.15 3.65 -4.08
CA GLY A 47 4.09 2.53 -4.26
C GLY A 47 2.66 3.19 -4.39
N HIS A 48 1.75 2.62 -5.30
CA HIS A 48 0.30 3.22 -5.51
C HIS A 48 -0.75 2.16 -6.06
N CYS A 49 -2.10 2.46 -5.92
CA CYS A 49 -3.27 1.55 -6.47
C CYS A 49 -3.79 2.22 -7.81
N SER A 50 -3.54 1.53 -9.02
CA SER A 50 -3.99 2.08 -10.43
C SER A 50 -3.81 1.02 -11.64
N ASN A 51 -3.65 -0.35 -11.36
CA ASN A 51 -3.48 -1.42 -12.53
C ASN A 51 -4.87 -1.90 -13.11
N PHE A 52 -5.97 -2.00 -12.24
CA PHE A 52 -7.43 -2.44 -12.68
C PHE A 52 -7.52 -3.90 -13.34
N PHE A 53 -6.46 -4.82 -13.13
CA PHE A 53 -6.55 -6.30 -13.62
C PHE A 53 -6.91 -7.21 -12.38
N LYS A 54 -5.93 -7.47 -11.39
CA LYS A 54 -6.19 -8.34 -10.10
C LYS A 54 -5.02 -8.17 -9.00
N PHE A 55 -4.26 -6.99 -8.98
CA PHE A 55 -3.11 -6.71 -7.96
C PHE A 55 -3.48 -5.45 -7.10
N GLN A 56 -3.92 -4.29 -7.80
CA GLN A 56 -4.23 -2.91 -7.12
C GLN A 56 -3.00 -2.34 -6.25
N CYS A 57 -1.71 -2.69 -6.65
CA CYS A 57 -0.41 -2.16 -5.94
C CYS A 57 0.82 -2.23 -6.95
N TRP A 58 1.41 -1.04 -7.34
CA TRP A 58 2.60 -0.99 -8.35
C TRP A 58 3.82 -0.30 -7.60
N CYS A 59 4.92 -1.09 -7.29
CA CYS A 59 6.18 -0.50 -6.54
C CYS A 59 7.25 -0.06 -7.60
N THR A 60 7.86 1.17 -7.41
CA THR A 60 8.95 1.73 -8.37
C THR A 60 10.23 2.15 -7.50
N ARG A 61 11.48 1.82 -8.00
CA ARG A 61 12.82 2.20 -7.24
C ARG A 61 13.19 3.68 -7.58
N ASP A 1 12.12 -5.66 -10.02
CA ASP A 1 10.81 -5.40 -9.22
C ASP A 1 10.16 -6.79 -8.83
N VAL A 2 9.68 -6.95 -7.53
CA VAL A 2 9.04 -8.29 -7.01
C VAL A 2 7.68 -8.06 -6.22
N LEU A 3 6.95 -9.19 -5.84
CA LEU A 3 5.57 -9.09 -5.09
C LEU A 3 5.71 -8.53 -3.61
N SER A 4 4.54 -8.24 -2.90
CA SER A 4 4.56 -7.63 -1.45
C SER A 4 4.88 -8.75 -0.40
N GLY A 5 5.88 -8.49 0.56
CA GLY A 5 6.30 -9.53 1.64
C GLY A 5 5.56 -9.32 3.03
N LYS A 6 4.65 -8.26 3.21
CA LYS A 6 3.97 -7.97 4.59
C LYS A 6 2.37 -7.83 4.51
N TYR A 7 1.73 -7.80 3.26
CA TYR A 7 0.18 -7.52 3.12
C TYR A 7 -0.45 -8.16 1.80
N LYS A 8 -1.84 -8.12 1.69
CA LYS A 8 -2.64 -8.70 0.45
C LYS A 8 -4.03 -7.91 0.22
N GLY A 9 -4.07 -6.53 0.48
CA GLY A 9 -5.35 -5.68 0.33
C GLY A 9 -5.60 -5.28 -1.18
N PRO A 10 -6.96 -5.27 -1.65
CA PRO A 10 -7.27 -4.81 -3.10
C PRO A 10 -7.13 -3.22 -3.26
N CYS A 11 -6.96 -2.69 -4.54
CA CYS A 11 -6.81 -1.15 -4.81
C CYS A 11 -8.26 -0.54 -4.99
N TYR A 12 -8.78 0.28 -3.96
CA TYR A 12 -10.19 0.91 -4.01
C TYR A 12 -10.09 2.51 -3.86
N PHE A 13 -10.20 3.13 -2.59
CA PHE A 13 -10.16 4.71 -2.40
C PHE A 13 -9.97 5.15 -0.85
N GLY A 14 -9.40 4.26 0.07
CA GLY A 14 -9.16 4.63 1.57
C GLY A 14 -9.67 3.51 2.51
N ILE A 15 -11.01 3.53 2.89
CA ILE A 15 -11.76 2.49 3.80
C ILE A 15 -11.08 2.07 5.21
N ILE A 16 -9.90 2.66 5.64
CA ILE A 16 -9.25 2.30 7.05
C ILE A 16 -9.50 3.47 8.10
N PRO A 17 -9.61 3.11 9.49
CA PRO A 17 -9.82 4.20 10.54
C PRO A 17 -8.42 4.81 10.99
N CYS A 18 -7.48 3.98 11.63
CA CYS A 18 -6.07 4.49 12.07
C CYS A 18 -4.98 3.38 11.83
N PHE A 19 -3.76 3.79 11.26
CA PHE A 19 -2.57 2.79 11.00
C PHE A 19 -1.21 3.58 10.78
N VAL A 20 -1.23 4.72 9.96
CA VAL A 20 0.03 5.60 9.65
C VAL A 20 -0.36 7.16 9.81
N ARG A 21 0.30 8.15 9.05
CA ARG A 21 -0.04 9.71 9.18
C ARG A 21 -1.58 10.02 8.87
N GLY A 22 -2.28 9.20 7.98
CA GLY A 22 -3.76 9.39 7.62
C GLY A 22 -4.69 8.62 8.64
N CYS A 23 -4.56 8.91 9.99
CA CYS A 23 -5.50 8.30 11.11
C CYS A 23 -6.63 9.35 11.42
N LYS A 24 -6.23 10.62 11.83
CA LYS A 24 -7.26 11.78 12.21
C LYS A 24 -8.19 12.19 10.98
N PRO A 25 -7.55 12.42 9.71
CA PRO A 25 -8.43 12.77 8.48
C PRO A 25 -9.29 11.54 7.93
N LYS A 26 -8.90 10.21 8.26
CA LYS A 26 -9.63 8.87 7.77
C LYS A 26 -9.62 8.74 6.19
N LEU A 27 -9.72 7.44 5.63
CA LEU A 27 -9.66 7.10 4.10
C LEU A 27 -8.36 7.73 3.38
N PHE A 28 -7.29 6.88 3.09
CA PHE A 28 -5.94 7.39 2.38
C PHE A 28 -6.14 7.90 0.88
N ASP A 29 -7.37 7.72 0.22
CA ASP A 29 -7.71 8.17 -1.29
C ASP A 29 -7.10 7.20 -2.37
N ALA A 30 -5.82 6.68 -2.18
CA ALA A 30 -5.17 5.68 -3.18
C ALA A 30 -4.34 4.59 -2.39
N HIS A 31 -4.50 3.24 -2.73
CA HIS A 31 -3.69 2.06 -2.00
C HIS A 31 -2.11 2.18 -2.23
N ARG A 32 -1.62 3.00 -3.28
CA ARG A 32 -0.07 3.26 -3.54
C ARG A 32 0.64 3.89 -2.25
N LYS A 33 -0.06 4.88 -1.53
CA LYS A 33 0.54 5.57 -0.22
C LYS A 33 0.71 4.51 0.97
N LEU A 34 -0.33 3.61 1.21
CA LEU A 34 -0.22 2.49 2.32
C LEU A 34 0.82 1.37 1.89
N CYS A 35 0.82 0.95 0.55
CA CYS A 35 1.82 -0.14 0.01
C CYS A 35 3.32 0.34 0.12
N ILE A 36 3.67 1.62 -0.32
CA ILE A 36 5.16 2.17 -0.19
C ILE A 36 5.58 2.43 1.33
N LYS A 37 4.63 2.89 2.24
CA LYS A 37 4.99 3.16 3.77
C LYS A 37 5.22 1.81 4.58
N LEU A 38 4.37 0.74 4.35
CA LEU A 38 4.53 -0.64 5.09
C LEU A 38 5.65 -1.53 4.39
N CYS A 39 5.71 -1.56 2.99
CA CYS A 39 6.82 -2.41 2.19
C CYS A 39 8.28 -1.83 2.43
N LYS A 40 8.44 -0.42 2.52
CA LYS A 40 9.87 0.23 2.73
C LYS A 40 10.57 -0.20 4.10
N GLN A 41 9.77 -0.68 5.15
CA GLN A 41 10.39 -1.16 6.52
C GLN A 41 11.22 -2.54 6.33
N GLU A 42 10.73 -3.49 5.40
CA GLU A 42 11.49 -4.83 5.09
C GLU A 42 12.77 -4.54 4.19
N GLY A 43 12.65 -3.66 3.11
CA GLY A 43 13.87 -3.30 2.19
C GLY A 43 13.41 -2.92 0.74
N PHE A 44 12.47 -1.92 0.60
CA PHE A 44 11.93 -1.42 -0.78
C PHE A 44 11.81 0.16 -0.83
N LYS A 45 11.59 0.76 -2.08
CA LYS A 45 11.55 2.32 -2.26
C LYS A 45 10.23 2.79 -2.93
N SER A 46 9.70 2.06 -4.01
CA SER A 46 8.44 2.50 -4.76
C SER A 46 7.39 1.31 -4.86
N GLY A 47 6.21 1.45 -4.12
CA GLY A 47 5.07 0.42 -4.10
C GLY A 47 3.83 1.07 -4.79
N HIS A 48 3.21 0.38 -5.84
CA HIS A 48 1.94 0.93 -6.62
C HIS A 48 1.05 -0.23 -7.22
N CYS A 49 -0.34 -0.03 -7.32
CA CYS A 49 -1.30 -1.15 -7.88
C CYS A 49 -1.30 -1.22 -9.46
N SER A 50 -0.75 -2.38 -10.06
CA SER A 50 -0.70 -2.62 -11.61
C SER A 50 -0.45 -4.18 -12.00
N ASN A 51 -0.81 -5.18 -11.07
CA ASN A 51 -0.60 -6.71 -11.39
C ASN A 51 -1.94 -7.39 -11.87
N PHE A 52 -3.17 -6.99 -11.28
CA PHE A 52 -4.58 -7.58 -11.67
C PHE A 52 -4.63 -9.21 -11.65
N PHE A 53 -3.72 -9.88 -10.81
CA PHE A 53 -3.74 -11.45 -10.67
C PHE A 53 -4.65 -11.83 -9.46
N LYS A 54 -4.29 -11.39 -8.17
CA LYS A 54 -5.13 -11.74 -6.87
C LYS A 54 -4.71 -10.83 -5.60
N PHE A 55 -4.16 -9.55 -5.82
CA PHE A 55 -3.80 -8.56 -4.62
C PHE A 55 -3.71 -7.05 -5.06
N GLN A 56 -3.23 -6.72 -6.35
CA GLN A 56 -3.13 -5.25 -6.90
C GLN A 56 -2.12 -4.32 -6.05
N CYS A 57 -0.75 -4.61 -6.15
CA CYS A 57 0.41 -3.72 -5.51
C CYS A 57 1.84 -4.38 -5.80
N TRP A 58 2.80 -3.60 -6.45
CA TRP A 58 4.18 -4.14 -6.89
C TRP A 58 5.30 -3.23 -6.27
N CYS A 59 6.27 -3.83 -5.47
CA CYS A 59 7.42 -2.98 -4.78
C CYS A 59 8.72 -3.03 -5.68
N THR A 60 9.49 -1.88 -5.76
CA THR A 60 10.81 -1.79 -6.57
C THR A 60 11.99 -1.39 -5.59
N ARG A 61 13.19 -2.07 -5.71
CA ARG A 61 14.44 -1.73 -4.83
C ARG A 61 15.26 -0.60 -5.53
N ASP A 1 11.29 -6.34 -10.41
CA ASP A 1 10.19 -6.01 -9.36
C ASP A 1 9.69 -7.34 -8.66
N VAL A 2 9.35 -7.28 -7.33
CA VAL A 2 8.88 -8.52 -6.50
C VAL A 2 7.50 -8.17 -5.78
N LEU A 3 6.63 -9.23 -5.53
CA LEU A 3 5.25 -9.04 -4.74
C LEU A 3 5.54 -8.72 -3.21
N SER A 4 4.62 -7.94 -2.50
CA SER A 4 4.85 -7.56 -0.97
C SER A 4 4.78 -8.83 -0.04
N GLY A 5 5.75 -8.97 0.95
CA GLY A 5 5.80 -10.17 1.91
C GLY A 5 4.89 -9.99 3.19
N LYS A 6 4.17 -8.80 3.39
CA LYS A 6 3.26 -8.55 4.65
C LYS A 6 1.72 -8.40 4.21
N TYR A 7 1.25 -9.12 3.08
CA TYR A 7 -0.23 -9.10 2.53
C TYR A 7 -0.70 -7.64 2.07
N LYS A 8 -1.75 -7.55 1.16
CA LYS A 8 -2.28 -6.20 0.58
C LYS A 8 -3.85 -6.20 0.29
N GLY A 9 -4.41 -5.04 -0.25
CA GLY A 9 -5.93 -4.90 -0.58
C GLY A 9 -6.17 -4.23 -2.01
N PRO A 10 -7.52 -3.84 -2.34
CA PRO A 10 -7.82 -3.18 -3.71
C PRO A 10 -7.30 -1.67 -3.79
N CYS A 11 -7.12 -1.10 -5.04
CA CYS A 11 -6.64 0.38 -5.25
C CYS A 11 -7.90 1.27 -5.55
N TYR A 12 -8.29 2.22 -4.59
CA TYR A 12 -9.54 3.12 -4.72
C TYR A 12 -9.16 4.66 -4.45
N PHE A 13 -9.30 5.21 -3.14
CA PHE A 13 -9.00 6.74 -2.81
C PHE A 13 -8.99 6.99 -1.19
N GLY A 14 -8.53 5.96 -0.37
CA GLY A 14 -8.50 6.06 1.17
C GLY A 14 -9.73 5.30 1.75
N ILE A 15 -9.51 4.33 2.73
CA ILE A 15 -10.67 3.47 3.37
C ILE A 15 -10.35 2.96 4.85
N ILE A 16 -9.02 2.77 5.26
CA ILE A 16 -8.63 2.13 6.67
C ILE A 16 -9.10 3.04 7.91
N PRO A 17 -9.43 2.37 9.14
CA PRO A 17 -9.77 3.18 10.39
C PRO A 17 -8.48 3.24 11.34
N CYS A 18 -7.64 4.37 11.24
CA CYS A 18 -6.29 4.58 12.05
C CYS A 18 -5.24 3.41 11.78
N PHE A 19 -4.13 3.73 11.00
CA PHE A 19 -3.02 2.65 10.62
C PHE A 19 -1.63 3.36 10.34
N VAL A 20 -1.62 4.49 9.53
CA VAL A 20 -0.32 5.31 9.18
C VAL A 20 -0.50 6.84 9.67
N ARG A 21 0.24 7.87 9.06
CA ARG A 21 0.12 9.40 9.53
C ARG A 21 -1.36 9.98 9.35
N GLY A 22 -2.21 9.42 8.38
CA GLY A 22 -3.65 9.90 8.14
C GLY A 22 -4.65 9.07 9.02
N CYS A 23 -4.43 8.99 10.40
CA CYS A 23 -5.41 8.27 11.39
C CYS A 23 -6.51 9.30 11.85
N LYS A 24 -6.08 10.50 12.40
CA LYS A 24 -7.09 11.63 12.92
C LYS A 24 -8.02 12.18 11.74
N PRO A 25 -7.39 12.54 10.50
CA PRO A 25 -8.28 13.02 9.32
C PRO A 25 -9.12 11.84 8.63
N LYS A 26 -8.70 10.49 8.79
CA LYS A 26 -9.39 9.22 8.12
C LYS A 26 -9.32 9.26 6.55
N LEU A 27 -9.19 8.04 5.85
CA LEU A 27 -9.02 7.89 4.27
C LEU A 27 -7.68 8.61 3.79
N PHE A 28 -6.63 7.82 3.29
CA PHE A 28 -5.23 8.45 2.86
C PHE A 28 -5.38 9.52 1.68
N ASP A 29 -5.63 9.07 0.42
CA ASP A 29 -5.78 9.92 -0.95
C ASP A 29 -5.64 8.89 -2.17
N ALA A 30 -4.61 7.93 -2.05
CA ALA A 30 -4.35 6.81 -3.11
C ALA A 30 -3.65 5.57 -2.42
N HIS A 31 -3.98 4.29 -2.86
CA HIS A 31 -3.30 2.99 -2.22
C HIS A 31 -1.71 2.91 -2.50
N ARG A 32 -1.13 3.75 -3.48
CA ARG A 32 0.45 3.80 -3.76
C ARG A 32 1.21 4.28 -2.41
N LYS A 33 0.64 5.31 -1.65
CA LYS A 33 1.29 5.83 -0.29
C LYS A 33 1.20 4.68 0.83
N LEU A 34 0.01 3.95 0.94
CA LEU A 34 -0.17 2.79 2.00
C LEU A 34 0.70 1.50 1.59
N CYS A 35 0.79 1.16 0.23
CA CYS A 35 1.61 -0.10 -0.27
C CYS A 35 3.17 0.11 -0.02
N ILE A 36 3.76 1.31 -0.41
CA ILE A 36 5.29 1.61 -0.17
C ILE A 36 5.64 1.79 1.37
N LYS A 37 4.71 2.43 2.22
CA LYS A 37 4.98 2.62 3.79
C LYS A 37 4.99 1.24 4.56
N LEU A 38 4.06 0.27 4.19
CA LEU A 38 4.01 -1.14 4.88
C LEU A 38 5.09 -2.12 4.24
N CYS A 39 5.32 -2.05 2.86
CA CYS A 39 6.40 -2.96 2.12
C CYS A 39 7.88 -2.54 2.53
N LYS A 40 8.19 -1.17 2.75
CA LYS A 40 9.65 -0.72 3.18
C LYS A 40 10.15 -1.34 4.56
N GLN A 41 9.17 -1.78 5.49
CA GLN A 41 9.54 -2.44 6.87
C GLN A 41 10.33 -3.83 6.64
N GLU A 42 9.91 -4.67 5.59
CA GLU A 42 10.64 -6.03 5.28
C GLU A 42 11.97 -5.76 4.47
N GLY A 43 11.91 -4.99 3.30
CA GLY A 43 13.20 -4.70 2.47
C GLY A 43 12.89 -4.14 1.04
N PHE A 44 12.14 -2.97 0.93
CA PHE A 44 11.80 -2.28 -0.44
C PHE A 44 11.78 -0.70 -0.29
N LYS A 45 11.64 0.07 -1.45
CA LYS A 45 11.67 1.65 -1.43
C LYS A 45 10.67 2.33 -2.44
N SER A 46 10.32 1.67 -3.63
CA SER A 46 9.32 2.28 -4.65
C SER A 46 8.14 1.25 -4.93
N GLY A 47 6.89 1.56 -4.42
CA GLY A 47 5.63 0.67 -4.58
C GLY A 47 4.56 1.37 -5.50
N HIS A 48 3.72 0.55 -6.27
CA HIS A 48 2.59 1.11 -7.24
C HIS A 48 1.49 -0.02 -7.50
N CYS A 49 0.15 0.35 -7.62
CA CYS A 49 -0.98 -0.72 -7.93
C CYS A 49 -1.05 -1.03 -9.48
N SER A 50 -0.45 -2.22 -9.94
CA SER A 50 -0.41 -2.63 -11.46
C SER A 50 -0.07 -4.22 -11.65
N ASN A 51 -0.96 -5.13 -11.07
CA ASN A 51 -0.76 -6.70 -11.25
C ASN A 51 -1.67 -7.24 -12.41
N PHE A 52 -2.92 -6.64 -12.64
CA PHE A 52 -3.97 -7.12 -13.73
C PHE A 52 -4.44 -8.65 -13.51
N PHE A 53 -4.29 -9.21 -12.23
CA PHE A 53 -4.79 -10.64 -11.88
C PHE A 53 -5.90 -10.51 -10.75
N LYS A 54 -5.49 -10.10 -9.46
CA LYS A 54 -6.51 -9.92 -8.23
C LYS A 54 -5.75 -9.43 -6.88
N PHE A 55 -4.64 -8.59 -7.01
CA PHE A 55 -3.81 -8.11 -5.76
C PHE A 55 -3.74 -6.54 -5.73
N GLN A 56 -3.35 -5.87 -6.92
CA GLN A 56 -3.17 -4.32 -7.08
C GLN A 56 -2.06 -3.72 -6.07
N CYS A 57 -0.84 -4.41 -6.02
CA CYS A 57 0.41 -3.90 -5.18
C CYS A 57 1.75 -4.52 -5.82
N TRP A 58 2.65 -3.64 -6.40
CA TRP A 58 3.97 -4.11 -7.10
C TRP A 58 5.17 -3.36 -6.40
N CYS A 59 6.06 -4.11 -5.62
CA CYS A 59 7.26 -3.44 -4.86
C CYS A 59 8.58 -3.55 -5.70
N THR A 60 9.44 -2.46 -5.73
CA THR A 60 10.77 -2.43 -6.52
C THR A 60 11.96 -2.03 -5.52
N ARG A 61 13.15 -2.71 -5.63
CA ARG A 61 14.42 -2.32 -4.76
C ARG A 61 15.19 -1.11 -5.41
N ASP A 1 10.68 -6.08 -10.56
CA ASP A 1 9.87 -5.00 -9.81
C ASP A 1 9.39 -3.84 -10.77
N VAL A 2 8.18 -3.23 -10.49
CA VAL A 2 7.57 -2.08 -11.38
C VAL A 2 7.05 -0.87 -10.51
N LEU A 3 6.80 0.34 -11.18
CA LEU A 3 6.26 1.62 -10.44
C LEU A 3 4.68 1.46 -10.22
N SER A 4 4.26 0.46 -9.31
CA SER A 4 2.77 0.14 -8.91
C SER A 4 1.80 -0.18 -10.13
N GLY A 5 0.93 -1.27 -10.02
CA GLY A 5 -0.14 -1.62 -11.09
C GLY A 5 -1.30 -0.54 -11.12
N LYS A 6 -1.71 -0.02 -9.91
CA LYS A 6 -2.85 1.05 -9.75
C LYS A 6 -2.21 2.40 -9.22
N TYR A 7 -2.81 3.62 -9.58
CA TYR A 7 -2.22 5.00 -9.11
C TYR A 7 -2.67 5.29 -7.59
N LYS A 8 -1.76 4.95 -6.60
CA LYS A 8 -2.01 5.14 -5.06
C LYS A 8 -0.60 5.32 -4.26
N GLY A 9 -0.63 5.25 -2.87
CA GLY A 9 0.65 5.29 -1.98
C GLY A 9 0.72 6.53 -0.99
N PRO A 10 -0.27 6.62 0.06
CA PRO A 10 -0.10 7.69 1.16
C PRO A 10 0.71 7.04 2.39
N CYS A 11 2.11 7.06 2.35
CA CYS A 11 2.98 6.43 3.49
C CYS A 11 3.17 7.51 4.65
N TYR A 12 2.39 7.36 5.80
CA TYR A 12 2.42 8.35 7.00
C TYR A 12 2.46 7.52 8.39
N PHE A 13 1.25 7.09 8.98
CA PHE A 13 1.18 6.29 10.35
C PHE A 13 -0.30 5.68 10.62
N GLY A 14 -1.07 5.30 9.50
CA GLY A 14 -2.50 4.75 9.62
C GLY A 14 -3.50 5.95 9.51
N ILE A 15 -4.56 5.86 8.61
CA ILE A 15 -5.60 7.02 8.40
C ILE A 15 -7.01 6.50 7.86
N ILE A 16 -7.07 5.38 7.03
CA ILE A 16 -8.44 4.86 6.38
C ILE A 16 -9.49 4.34 7.49
N PRO A 17 -10.89 4.55 7.22
CA PRO A 17 -11.94 4.02 8.20
C PRO A 17 -12.54 2.63 7.66
N CYS A 18 -12.08 1.45 8.24
CA CYS A 18 -12.56 -0.02 7.87
C CYS A 18 -12.37 -0.38 6.32
N PHE A 19 -11.51 -1.45 6.01
CA PHE A 19 -11.26 -1.93 4.54
C PHE A 19 -10.82 -3.46 4.52
N VAL A 20 -9.87 -3.87 5.44
CA VAL A 20 -9.35 -5.36 5.57
C VAL A 20 -9.46 -5.85 7.11
N ARG A 21 -8.59 -6.85 7.60
CA ARG A 21 -8.67 -7.39 9.11
C ARG A 21 -8.45 -6.19 10.18
N GLY A 22 -7.66 -5.09 9.82
CA GLY A 22 -7.42 -3.88 10.74
C GLY A 22 -8.57 -2.83 10.54
N CYS A 23 -9.87 -3.23 10.80
CA CYS A 23 -11.12 -2.27 10.70
C CYS A 23 -11.53 -1.85 12.18
N LYS A 24 -11.75 -2.86 13.11
CA LYS A 24 -12.20 -2.58 14.61
C LYS A 24 -11.12 -1.71 15.40
N PRO A 25 -9.75 -2.10 15.32
CA PRO A 25 -8.67 -1.25 16.04
C PRO A 25 -8.41 0.18 15.33
N LYS A 26 -8.73 0.33 13.96
CA LYS A 26 -8.51 1.67 13.10
C LYS A 26 -6.99 2.10 13.03
N LEU A 27 -6.55 2.87 11.92
CA LEU A 27 -5.06 3.31 11.66
C LEU A 27 -4.11 2.03 11.52
N PHE A 28 -3.68 1.67 10.26
CA PHE A 28 -2.77 0.39 9.98
C PHE A 28 -1.27 0.51 10.52
N ASP A 29 -0.80 1.73 11.08
CA ASP A 29 0.68 1.99 11.64
C ASP A 29 1.73 2.18 10.47
N ALA A 30 1.73 1.31 9.39
CA ALA A 30 2.72 1.45 8.18
C ALA A 30 1.95 1.11 6.85
N HIS A 31 2.11 1.95 5.74
CA HIS A 31 1.35 1.67 4.37
C HIS A 31 1.90 0.37 3.60
N ARG A 32 3.03 -0.33 4.08
CA ARG A 32 3.54 -1.67 3.38
C ARG A 32 2.39 -2.80 3.43
N LYS A 33 1.62 -2.91 4.61
CA LYS A 33 0.41 -3.93 4.75
C LYS A 33 -0.77 -3.54 3.74
N LEU A 34 -1.18 -2.21 3.67
CA LEU A 34 -2.32 -1.74 2.68
C LEU A 34 -1.82 -1.74 1.17
N CYS A 35 -0.49 -1.38 0.87
CA CYS A 35 0.06 -1.33 -0.62
C CYS A 35 0.08 -2.80 -1.25
N ILE A 36 0.60 -3.85 -0.48
CA ILE A 36 0.56 -5.35 -1.00
C ILE A 36 -0.93 -5.91 -1.05
N LYS A 37 -1.84 -5.54 -0.04
CA LYS A 37 -3.37 -6.03 -0.05
C LYS A 37 -4.20 -5.34 -1.24
N LEU A 38 -3.92 -4.02 -1.58
CA LEU A 38 -4.63 -3.29 -2.77
C LEU A 38 -3.94 -3.69 -4.16
N CYS A 39 -2.54 -3.77 -4.21
CA CYS A 39 -1.75 -4.17 -5.53
C CYS A 39 -1.96 -5.70 -5.90
N LYS A 40 -2.03 -6.66 -4.86
CA LYS A 40 -2.23 -8.21 -5.16
C LYS A 40 -3.57 -8.54 -5.98
N GLN A 41 -4.63 -7.62 -5.93
CA GLN A 41 -5.97 -7.82 -6.73
C GLN A 41 -5.70 -7.76 -8.31
N GLU A 42 -4.78 -6.81 -8.80
CA GLU A 42 -4.41 -6.71 -10.34
C GLU A 42 -3.48 -7.93 -10.75
N GLY A 43 -2.37 -8.25 -9.95
CA GLY A 43 -1.45 -9.47 -10.29
C GLY A 43 -0.02 -9.33 -9.65
N PHE A 44 0.06 -9.17 -8.28
CA PHE A 44 1.43 -9.05 -7.51
C PHE A 44 1.38 -9.82 -6.12
N LYS A 45 2.58 -9.98 -5.42
CA LYS A 45 2.67 -10.76 -4.05
C LYS A 45 3.58 -10.03 -2.98
N SER A 46 4.66 -9.24 -3.40
CA SER A 46 5.57 -8.48 -2.39
C SER A 46 5.56 -6.94 -2.75
N GLY A 47 4.85 -6.08 -1.90
CA GLY A 47 4.70 -4.56 -2.13
C GLY A 47 5.09 -3.76 -0.85
N HIS A 48 5.83 -2.56 -1.00
CA HIS A 48 6.28 -1.67 0.23
C HIS A 48 6.53 -0.14 -0.18
N CYS A 49 6.53 0.83 0.83
CA CYS A 49 6.80 2.37 0.53
C CYS A 49 8.23 2.82 1.00
N SER A 50 9.19 3.15 0.00
CA SER A 50 10.67 3.60 0.35
C SER A 50 11.47 4.15 -0.94
N ASN A 51 10.76 4.73 -2.01
CA ASN A 51 11.52 5.28 -3.29
C ASN A 51 11.77 6.84 -3.23
N PHE A 52 10.93 7.65 -2.43
CA PHE A 52 11.08 9.24 -2.28
C PHE A 52 11.16 10.00 -3.71
N PHE A 53 10.51 9.41 -4.80
CA PHE A 53 10.47 10.08 -6.22
C PHE A 53 9.19 11.03 -6.28
N LYS A 54 7.91 10.42 -6.33
CA LYS A 54 6.56 11.24 -6.39
C LYS A 54 5.25 10.29 -6.23
N PHE A 55 5.37 9.09 -5.49
CA PHE A 55 4.14 8.10 -5.28
C PHE A 55 4.23 7.26 -3.96
N GLN A 56 5.48 6.84 -3.47
CA GLN A 56 5.68 5.99 -2.13
C GLN A 56 4.92 4.57 -2.18
N CYS A 57 5.21 3.72 -3.26
CA CYS A 57 4.64 2.25 -3.41
C CYS A 57 5.45 1.48 -4.54
N TRP A 58 6.19 0.36 -4.17
CA TRP A 58 7.07 -0.45 -5.16
C TRP A 58 6.51 -1.93 -5.17
N CYS A 59 5.86 -2.40 -6.30
CA CYS A 59 5.23 -3.85 -6.37
C CYS A 59 6.23 -4.82 -7.12
N THR A 60 6.41 -6.10 -6.58
CA THR A 60 7.35 -7.16 -7.22
C THR A 60 6.52 -8.49 -7.48
N ARG A 61 6.72 -9.13 -8.70
CA ARG A 61 5.98 -10.47 -9.08
C ARG A 61 6.73 -11.68 -8.46
N ASP A 1 8.00 -3.74 -12.74
CA ASP A 1 7.63 -3.00 -11.45
C ASP A 1 7.73 -1.43 -11.63
N VAL A 2 6.77 -0.66 -10.99
CA VAL A 2 6.71 0.91 -11.10
C VAL A 2 6.63 1.53 -9.62
N LEU A 3 7.23 2.77 -9.40
CA LEU A 3 7.18 3.50 -8.01
C LEU A 3 5.71 4.16 -7.81
N SER A 4 4.62 3.25 -7.64
CA SER A 4 3.11 3.67 -7.40
C SER A 4 2.50 4.56 -8.56
N GLY A 5 1.23 4.25 -9.03
CA GLY A 5 0.49 5.06 -10.11
C GLY A 5 0.03 6.48 -9.57
N LYS A 6 -0.47 6.56 -8.27
CA LYS A 6 -1.05 7.88 -7.66
C LYS A 6 -0.29 8.30 -6.29
N TYR A 7 1.04 7.86 -6.09
CA TYR A 7 1.91 8.16 -4.78
C TYR A 7 1.25 7.57 -3.45
N LYS A 8 2.06 7.44 -2.33
CA LYS A 8 1.57 6.75 -0.99
C LYS A 8 2.43 7.22 0.29
N GLY A 9 2.16 6.59 1.52
CA GLY A 9 2.93 6.91 2.82
C GLY A 9 4.04 5.79 3.14
N PRO A 10 4.80 5.96 4.35
CA PRO A 10 5.88 4.91 4.74
C PRO A 10 5.23 3.56 5.33
N CYS A 11 6.04 2.43 5.42
CA CYS A 11 5.54 1.07 6.02
C CYS A 11 5.86 1.08 7.57
N TYR A 12 4.78 1.10 8.47
CA TYR A 12 4.95 1.13 10.02
C TYR A 12 4.22 -0.15 10.65
N PHE A 13 2.86 -0.08 11.05
CA PHE A 13 2.07 -1.30 11.71
C PHE A 13 0.47 -0.97 11.80
N GLY A 14 -0.10 -0.18 10.79
CA GLY A 14 -1.58 0.23 10.79
C GLY A 14 -1.69 1.66 11.41
N ILE A 15 -2.45 2.61 10.72
CA ILE A 15 -2.64 4.08 11.23
C ILE A 15 -4.01 4.74 10.74
N ILE A 16 -4.53 4.39 9.49
CA ILE A 16 -5.87 5.03 8.91
C ILE A 16 -7.16 4.62 9.77
N PRO A 17 -8.23 5.57 9.89
CA PRO A 17 -9.51 5.17 10.65
C PRO A 17 -10.46 4.29 9.73
N CYS A 18 -10.77 4.76 8.45
CA CYS A 18 -11.66 3.96 7.44
C CYS A 18 -11.17 4.15 5.96
N PHE A 19 -11.13 3.02 5.14
CA PHE A 19 -10.70 3.08 3.60
C PHE A 19 -11.07 1.73 2.87
N VAL A 20 -10.83 0.52 3.54
CA VAL A 20 -11.11 -0.90 2.92
C VAL A 20 -11.87 -1.82 4.02
N ARG A 21 -11.75 -3.22 3.96
CA ARG A 21 -12.45 -4.18 5.04
C ARG A 21 -11.99 -3.89 6.57
N GLY A 22 -10.82 -3.15 6.80
CA GLY A 22 -10.28 -2.82 8.19
C GLY A 22 -10.90 -1.50 8.83
N CYS A 23 -12.04 -0.88 8.24
CA CYS A 23 -12.75 0.42 8.86
C CYS A 23 -13.31 0.10 10.31
N LYS A 24 -14.06 -1.06 10.49
CA LYS A 24 -14.68 -1.46 11.88
C LYS A 24 -13.56 -1.86 12.95
N PRO A 25 -12.57 -2.82 12.56
CA PRO A 25 -11.45 -3.22 13.56
C PRO A 25 -10.34 -2.07 13.78
N LYS A 26 -10.17 -1.07 12.78
CA LYS A 26 -9.07 0.08 12.79
C LYS A 26 -7.60 -0.51 12.75
N LEU A 27 -6.57 0.27 12.16
CA LEU A 27 -5.06 -0.19 12.00
C LEU A 27 -4.97 -1.54 11.13
N PHE A 28 -4.52 -1.44 9.82
CA PHE A 28 -4.40 -2.71 8.85
C PHE A 28 -3.27 -3.76 9.27
N ASP A 29 -2.36 -3.46 10.32
CA ASP A 29 -1.17 -4.39 10.82
C ASP A 29 0.08 -4.35 9.86
N ALA A 30 -0.12 -4.38 8.47
CA ALA A 30 1.04 -4.30 7.46
C ALA A 30 0.63 -3.36 6.25
N HIS A 31 1.55 -2.40 5.82
CA HIS A 31 1.22 -1.41 4.59
C HIS A 31 1.05 -2.20 3.20
N ARG A 32 1.47 -3.54 3.10
CA ARG A 32 1.26 -4.41 1.76
C ARG A 32 -0.29 -4.46 1.37
N LYS A 33 -1.25 -4.58 2.40
CA LYS A 33 -2.83 -4.58 2.10
C LYS A 33 -3.27 -3.18 1.50
N LEU A 34 -2.80 -2.01 2.12
CA LEU A 34 -3.13 -0.56 1.58
C LEU A 34 -2.36 -0.26 0.22
N CYS A 35 -1.06 -0.76 0.05
CA CYS A 35 -0.20 -0.49 -1.26
C CYS A 35 -0.90 -1.15 -2.53
N ILE A 36 -1.34 -2.48 -2.43
CA ILE A 36 -2.08 -3.21 -3.62
C ILE A 36 -3.57 -2.64 -3.83
N LYS A 37 -4.33 -2.27 -2.70
CA LYS A 37 -5.80 -1.66 -2.83
C LYS A 37 -5.80 -0.25 -3.57
N LEU A 38 -4.77 0.65 -3.28
CA LEU A 38 -4.64 2.05 -3.97
C LEU A 38 -4.02 1.90 -5.42
N CYS A 39 -2.94 1.03 -5.60
CA CYS A 39 -2.28 0.78 -7.02
C CYS A 39 -3.27 0.07 -8.02
N LYS A 40 -4.11 -0.96 -7.54
CA LYS A 40 -5.13 -1.70 -8.53
C LYS A 40 -6.22 -0.70 -9.17
N GLN A 41 -6.50 0.51 -8.51
CA GLN A 41 -7.54 1.57 -9.04
C GLN A 41 -7.06 2.21 -10.42
N GLU A 42 -5.71 2.51 -10.59
CA GLU A 42 -5.16 3.11 -11.96
C GLU A 42 -4.91 1.94 -12.98
N GLY A 43 -4.13 0.85 -12.58
CA GLY A 43 -3.84 -0.35 -13.52
C GLY A 43 -2.63 -1.24 -13.02
N PHE A 44 -2.76 -1.86 -11.78
CA PHE A 44 -1.66 -2.83 -11.18
C PHE A 44 -2.32 -4.10 -10.49
N LYS A 45 -1.47 -5.15 -10.12
CA LYS A 45 -2.02 -6.49 -9.49
C LYS A 45 -1.31 -6.85 -8.15
N SER A 46 0.09 -6.66 -8.05
CA SER A 46 0.89 -7.04 -6.78
C SER A 46 1.69 -5.79 -6.23
N GLY A 47 1.25 -5.25 -5.03
CA GLY A 47 1.92 -4.04 -4.33
C GLY A 47 2.40 -4.47 -2.91
N HIS A 48 3.74 -4.22 -2.54
CA HIS A 48 4.33 -4.61 -1.12
C HIS A 48 5.55 -3.68 -0.68
N CYS A 49 5.90 -3.64 0.69
CA CYS A 49 7.12 -2.78 1.21
C CYS A 49 8.41 -3.67 1.42
N SER A 50 9.55 -3.41 0.62
CA SER A 50 10.87 -4.25 0.71
C SER A 50 12.18 -3.43 0.21
N ASN A 51 12.15 -2.04 0.13
CA ASN A 51 13.40 -1.19 -0.37
C ASN A 51 14.04 -0.34 0.80
N PHE A 52 13.20 0.21 1.76
CA PHE A 52 13.69 1.03 3.03
C PHE A 52 14.68 2.27 2.68
N PHE A 53 14.68 2.81 1.38
CA PHE A 53 15.57 4.08 1.03
C PHE A 53 14.77 5.37 1.42
N LYS A 54 13.55 5.63 0.77
CA LYS A 54 12.64 6.89 1.09
C LYS A 54 11.15 6.76 0.47
N PHE A 55 10.63 5.48 0.22
CA PHE A 55 9.16 5.25 -0.33
C PHE A 55 8.50 3.97 0.29
N GLN A 56 9.26 2.78 0.38
CA GLN A 56 8.74 1.43 1.01
C GLN A 56 7.39 0.91 0.28
N CYS A 57 7.39 0.85 -1.12
CA CYS A 57 6.14 0.31 -1.94
C CYS A 57 6.57 -0.02 -3.45
N TRP A 58 6.52 -1.35 -3.86
CA TRP A 58 6.85 -1.81 -5.30
C TRP A 58 5.52 -2.39 -5.91
N CYS A 59 4.83 -1.61 -6.84
CA CYS A 59 3.47 -2.08 -7.52
C CYS A 59 3.80 -2.59 -8.96
N THR A 60 3.35 -3.88 -9.33
CA THR A 60 3.75 -4.53 -10.68
C THR A 60 2.45 -5.03 -11.46
N ARG A 61 2.46 -4.90 -12.86
CA ARG A 61 1.28 -5.39 -13.76
C ARG A 61 1.45 -6.92 -14.04
N ASP A 1 12.73 -6.19 -5.69
CA ASP A 1 11.29 -5.64 -5.66
C ASP A 1 10.26 -6.71 -6.18
N VAL A 2 9.13 -6.97 -5.41
CA VAL A 2 8.02 -8.03 -5.81
C VAL A 2 6.55 -7.44 -5.63
N LEU A 3 5.50 -8.14 -6.22
CA LEU A 3 4.01 -7.65 -6.10
C LEU A 3 3.42 -7.95 -4.63
N SER A 4 3.88 -7.12 -3.58
CA SER A 4 3.45 -7.24 -2.07
C SER A 4 3.71 -8.68 -1.44
N GLY A 5 3.53 -8.83 -0.06
CA GLY A 5 3.74 -10.16 0.68
C GLY A 5 2.36 -10.69 1.22
N LYS A 6 1.50 -9.78 1.85
CA LYS A 6 0.11 -10.21 2.44
C LYS A 6 -1.06 -9.60 1.51
N TYR A 7 -0.91 -9.75 0.11
CA TYR A 7 -1.94 -9.18 -0.98
C TYR A 7 -2.08 -7.60 -0.91
N LYS A 8 -2.67 -6.97 -1.99
CA LYS A 8 -2.83 -5.41 -2.11
C LYS A 8 -4.27 -4.99 -2.62
N GLY A 9 -4.56 -3.62 -2.65
CA GLY A 9 -5.94 -3.06 -3.10
C GLY A 9 -5.82 -2.09 -4.36
N PRO A 10 -7.00 -1.38 -4.74
CA PRO A 10 -6.96 -0.41 -5.95
C PRO A 10 -6.20 0.95 -5.61
N CYS A 11 -5.68 1.69 -6.67
CA CYS A 11 -4.96 3.07 -6.48
C CYS A 11 -5.96 4.19 -6.98
N TYR A 12 -6.59 4.98 -6.00
CA TYR A 12 -7.65 6.06 -6.33
C TYR A 12 -7.24 7.46 -5.65
N PHE A 13 -7.78 7.83 -4.40
CA PHE A 13 -7.44 9.21 -3.66
C PHE A 13 -8.05 9.23 -2.15
N GLY A 14 -8.07 8.03 -1.43
CA GLY A 14 -8.68 7.90 -0.02
C GLY A 14 -10.11 7.28 -0.17
N ILE A 15 -10.40 6.14 0.56
CA ILE A 15 -11.81 5.40 0.45
C ILE A 15 -12.08 4.42 1.69
N ILE A 16 -11.00 3.74 2.28
CA ILE A 16 -11.19 2.68 3.46
C ILE A 16 -11.76 3.35 4.81
N PRO A 17 -12.53 2.51 5.70
CA PRO A 17 -13.02 3.07 7.03
C PRO A 17 -12.06 2.60 8.23
N CYS A 18 -11.18 3.57 8.76
CA CYS A 18 -10.17 3.33 9.96
C CYS A 18 -9.17 2.10 9.74
N PHE A 19 -7.78 2.39 9.73
CA PHE A 19 -6.68 1.27 9.60
C PHE A 19 -5.27 1.78 10.11
N VAL A 20 -4.87 3.09 9.76
CA VAL A 20 -3.49 3.72 10.19
C VAL A 20 -3.74 5.19 10.81
N ARG A 21 -2.80 6.22 10.62
CA ARG A 21 -2.98 7.70 11.21
C ARG A 21 -4.30 8.40 10.69
N GLY A 22 -4.71 8.15 9.37
CA GLY A 22 -5.97 8.76 8.75
C GLY A 22 -7.24 7.90 9.08
N CYS A 23 -7.54 7.66 10.43
CA CYS A 23 -8.83 6.89 10.89
C CYS A 23 -9.89 7.96 11.32
N LYS A 24 -9.54 8.88 12.31
CA LYS A 24 -10.53 10.01 12.84
C LYS A 24 -10.91 11.03 11.65
N PRO A 25 -9.85 11.55 10.85
CA PRO A 25 -10.19 12.45 9.64
C PRO A 25 -10.80 11.62 8.39
N LYS A 26 -10.62 10.21 8.32
CA LYS A 26 -11.12 9.27 7.14
C LYS A 26 -10.46 9.63 5.76
N LEU A 27 -10.39 8.62 4.75
CA LEU A 27 -9.73 8.80 3.34
C LEU A 27 -8.16 9.16 3.47
N PHE A 28 -7.24 8.18 3.15
CA PHE A 28 -5.66 8.39 3.26
C PHE A 28 -5.08 9.45 2.22
N ASP A 29 -5.89 9.97 1.19
CA ASP A 29 -5.42 11.02 0.06
C ASP A 29 -4.56 10.33 -1.08
N ALA A 30 -3.57 9.42 -0.74
CA ALA A 30 -2.72 8.67 -1.79
C ALA A 30 -2.53 7.16 -1.37
N HIS A 31 -2.77 6.16 -2.32
CA HIS A 31 -2.58 4.60 -1.99
C HIS A 31 -1.05 4.24 -1.64
N ARG A 32 -0.02 5.10 -2.06
CA ARG A 32 1.53 4.85 -1.70
C ARG A 32 1.73 4.77 -0.10
N LYS A 33 1.00 5.66 0.71
CA LYS A 33 1.07 5.65 2.29
C LYS A 33 0.46 4.28 2.88
N LEU A 34 -0.74 3.81 2.35
CA LEU A 34 -1.39 2.45 2.83
C LEU A 34 -0.59 1.19 2.26
N CYS A 35 -0.03 1.26 0.97
CA CYS A 35 0.78 0.05 0.31
C CYS A 35 2.11 -0.25 1.13
N ILE A 36 2.88 0.85 1.56
CA ILE A 36 4.18 0.67 2.44
C ILE A 36 3.80 0.26 3.95
N LYS A 37 2.65 0.84 4.54
CA LYS A 37 2.15 0.44 6.01
C LYS A 37 1.68 -1.08 6.09
N LEU A 38 1.02 -1.63 4.98
CA LEU A 38 0.57 -3.14 4.94
C LEU A 38 1.84 -4.07 4.65
N CYS A 39 2.76 -3.67 3.68
CA CYS A 39 4.06 -4.51 3.31
C CYS A 39 5.13 -4.48 4.47
N LYS A 40 5.35 -3.28 5.18
CA LYS A 40 6.44 -3.19 6.35
C LYS A 40 6.17 -4.19 7.56
N GLN A 41 4.87 -4.72 7.73
CA GLN A 41 4.53 -5.79 8.86
C GLN A 41 5.28 -7.17 8.58
N GLU A 42 5.35 -7.64 7.25
CA GLU A 42 6.09 -8.98 6.87
C GLU A 42 7.67 -8.75 6.82
N GLY A 43 8.16 -7.61 6.15
CA GLY A 43 9.70 -7.32 6.06
C GLY A 43 10.05 -6.49 4.76
N PHE A 44 9.38 -5.30 4.54
CA PHE A 44 9.66 -4.33 3.32
C PHE A 44 9.93 -2.85 3.82
N LYS A 45 10.40 -1.93 2.88
CA LYS A 45 10.79 -0.46 3.27
C LYS A 45 10.09 0.58 2.34
N SER A 46 10.03 0.34 0.96
CA SER A 46 9.43 1.36 -0.04
C SER A 46 8.27 0.69 -0.90
N GLY A 47 6.98 1.16 -0.67
CA GLY A 47 5.73 0.65 -1.43
C GLY A 47 5.10 1.83 -2.24
N HIS A 48 4.77 1.59 -3.59
CA HIS A 48 4.14 2.71 -4.53
C HIS A 48 3.32 2.10 -5.76
N CYS A 49 2.55 2.97 -6.53
CA CYS A 49 1.70 2.46 -7.77
C CYS A 49 2.59 2.63 -9.07
N SER A 50 3.05 1.47 -9.74
CA SER A 50 4.00 1.55 -11.00
C SER A 50 3.96 0.28 -11.98
N ASN A 51 3.09 -0.79 -11.75
CA ASN A 51 3.10 -2.06 -12.72
C ASN A 51 2.23 -1.87 -14.02
N PHE A 52 1.06 -1.07 -13.95
CA PHE A 52 0.09 -0.78 -15.16
C PHE A 52 -0.52 -2.15 -15.81
N PHE A 53 -1.16 -3.03 -14.93
CA PHE A 53 -1.89 -4.33 -15.43
C PHE A 53 -3.34 -4.38 -14.79
N LYS A 54 -3.48 -4.67 -13.41
CA LYS A 54 -4.88 -4.72 -12.68
C LYS A 54 -4.78 -4.73 -11.06
N PHE A 55 -3.64 -4.16 -10.44
CA PHE A 55 -3.49 -4.04 -8.86
C PHE A 55 -2.80 -2.69 -8.41
N GLN A 56 -1.76 -2.15 -9.20
CA GLN A 56 -1.01 -0.80 -8.91
C GLN A 56 -0.34 -0.76 -7.44
N CYS A 57 0.56 -1.78 -7.12
CA CYS A 57 1.32 -1.83 -5.73
C CYS A 57 2.69 -2.65 -5.88
N TRP A 58 3.89 -1.93 -5.86
CA TRP A 58 5.29 -2.59 -5.98
C TRP A 58 6.05 -2.30 -4.63
N CYS A 59 6.26 -3.36 -3.75
CA CYS A 59 6.99 -3.18 -2.36
C CYS A 59 8.46 -3.70 -2.48
N THR A 60 9.49 -2.92 -1.93
CA THR A 60 11.00 -3.27 -2.11
C THR A 60 11.69 -3.46 -0.70
N ARG A 61 12.61 -4.50 -0.57
CA ARG A 61 13.40 -4.78 0.77
C ARG A 61 14.66 -3.86 0.82
N ASP A 1 8.52 -1.85 -12.81
CA ASP A 1 7.44 -1.72 -11.72
C ASP A 1 6.00 -1.53 -12.39
N VAL A 2 4.88 -1.86 -11.62
CA VAL A 2 3.41 -1.70 -12.14
C VAL A 2 2.66 -0.69 -11.15
N LEU A 3 1.88 0.33 -11.71
CA LEU A 3 1.12 1.39 -10.83
C LEU A 3 -0.15 0.75 -10.09
N SER A 4 0.12 -0.15 -9.02
CA SER A 4 -0.97 -0.89 -8.13
C SER A 4 -2.09 -1.65 -8.98
N GLY A 5 -2.07 -3.06 -8.95
CA GLY A 5 -3.11 -3.94 -9.71
C GLY A 5 -4.55 -3.80 -9.10
N LYS A 6 -4.68 -3.68 -7.71
CA LYS A 6 -6.09 -3.58 -6.99
C LYS A 6 -6.54 -2.06 -6.73
N TYR A 7 -5.73 -0.99 -7.21
CA TYR A 7 -6.04 0.55 -7.01
C TYR A 7 -6.12 0.95 -5.45
N LYS A 8 -4.92 1.36 -4.85
CA LYS A 8 -4.81 1.77 -3.34
C LYS A 8 -3.56 2.74 -3.14
N GLY A 9 -3.67 3.80 -2.24
CA GLY A 9 -2.48 4.75 -1.96
C GLY A 9 -2.84 6.09 -1.15
N PRO A 10 -3.30 5.98 0.21
CA PRO A 10 -3.40 7.26 1.07
C PRO A 10 -2.09 7.34 2.01
N CYS A 11 -0.90 7.82 1.45
CA CYS A 11 0.44 7.88 2.28
C CYS A 11 0.48 9.21 3.14
N TYR A 12 0.12 9.10 4.50
CA TYR A 12 0.10 10.30 5.49
C TYR A 12 0.99 9.91 6.79
N PHE A 13 0.39 9.15 7.83
CA PHE A 13 1.15 8.71 9.15
C PHE A 13 0.26 7.62 10.00
N GLY A 14 -0.52 6.73 9.28
CA GLY A 14 -1.45 5.70 9.96
C GLY A 14 -2.86 6.34 10.11
N ILE A 15 -3.97 5.63 9.65
CA ILE A 15 -5.44 6.20 9.73
C ILE A 15 -6.55 5.05 9.82
N ILE A 16 -6.33 3.82 9.21
CA ILE A 16 -7.42 2.66 9.18
C ILE A 16 -7.76 2.11 10.65
N PRO A 17 -9.10 1.63 10.90
CA PRO A 17 -9.43 1.02 12.28
C PRO A 17 -8.94 -0.49 12.37
N CYS A 18 -9.24 -1.34 11.30
CA CYS A 18 -8.76 -2.84 11.26
C CYS A 18 -8.60 -3.27 9.74
N PHE A 19 -7.43 -3.93 9.35
CA PHE A 19 -7.18 -4.39 7.87
C PHE A 19 -6.21 -5.64 7.83
N VAL A 20 -5.03 -5.57 8.55
CA VAL A 20 -3.96 -6.72 8.58
C VAL A 20 -3.33 -6.84 10.06
N ARG A 21 -1.95 -7.07 10.24
CA ARG A 21 -1.29 -7.17 11.70
C ARG A 21 -1.46 -5.81 12.54
N GLY A 22 -1.64 -4.60 11.84
CA GLY A 22 -1.84 -3.25 12.54
C GLY A 22 -3.36 -2.94 12.78
N CYS A 23 -4.16 -3.92 13.37
CA CYS A 23 -5.66 -3.69 13.76
C CYS A 23 -5.69 -3.35 15.31
N LYS A 24 -5.12 -4.27 16.20
CA LYS A 24 -5.09 -4.07 17.78
C LYS A 24 -4.27 -2.78 18.21
N PRO A 25 -2.98 -2.58 17.63
CA PRO A 25 -2.16 -1.31 18.00
C PRO A 25 -2.76 0.04 17.37
N LYS A 26 -3.61 -0.04 16.23
CA LYS A 26 -4.26 1.22 15.48
C LYS A 26 -3.16 2.14 14.83
N LEU A 27 -3.45 2.76 13.60
CA LEU A 27 -2.44 3.68 12.79
C LEU A 27 -1.10 2.87 12.42
N PHE A 28 -0.93 2.48 11.10
CA PHE A 28 0.34 1.65 10.61
C PHE A 28 1.69 2.48 10.59
N ASP A 29 1.69 3.87 10.89
CA ASP A 29 2.98 4.82 10.87
C ASP A 29 3.41 5.18 9.39
N ALA A 30 3.55 4.17 8.45
CA ALA A 30 3.93 4.44 6.96
C ALA A 30 3.09 3.53 6.01
N HIS A 31 2.51 4.09 4.87
CA HIS A 31 1.63 3.22 3.87
C HIS A 31 2.51 2.16 3.02
N ARG A 32 3.93 2.19 3.12
CA ARG A 32 4.85 1.10 2.36
C ARG A 32 4.45 -0.37 2.88
N LYS A 33 4.21 -0.55 4.26
CA LYS A 33 3.76 -1.93 4.88
C LYS A 33 2.27 -2.31 4.41
N LEU A 34 1.29 -1.32 4.42
CA LEU A 34 -0.20 -1.60 3.95
C LEU A 34 -0.29 -1.84 2.38
N CYS A 35 0.54 -1.07 1.54
CA CYS A 35 0.52 -1.22 -0.04
C CYS A 35 1.13 -2.64 -0.44
N ILE A 36 2.34 -3.03 0.12
CA ILE A 36 3.01 -4.45 -0.21
C ILE A 36 2.14 -5.68 0.37
N LYS A 37 1.41 -5.51 1.56
CA LYS A 37 0.50 -6.68 2.16
C LYS A 37 -0.79 -6.93 1.25
N LEU A 38 -1.44 -5.83 0.69
CA LEU A 38 -2.67 -5.99 -0.29
C LEU A 38 -2.16 -6.36 -1.76
N CYS A 39 -1.02 -5.71 -2.25
CA CYS A 39 -0.41 -5.96 -3.69
C CYS A 39 0.19 -7.45 -3.81
N LYS A 40 0.92 -7.98 -2.72
CA LYS A 40 1.57 -9.44 -2.78
C LYS A 40 0.48 -10.59 -3.04
N GLN A 41 -0.86 -10.35 -2.70
CA GLN A 41 -2.02 -11.38 -2.98
C GLN A 41 -2.22 -11.58 -4.58
N GLU A 42 -2.11 -10.44 -5.40
CA GLU A 42 -2.24 -10.54 -6.97
C GLU A 42 -0.94 -11.19 -7.60
N GLY A 43 0.32 -10.73 -7.18
CA GLY A 43 1.65 -11.37 -7.72
C GLY A 43 2.83 -10.33 -7.71
N PHE A 44 3.19 -9.76 -6.50
CA PHE A 44 4.35 -8.71 -6.35
C PHE A 44 5.22 -8.99 -5.05
N LYS A 45 6.36 -8.19 -4.84
CA LYS A 45 7.35 -8.44 -3.66
C LYS A 45 7.67 -7.11 -2.89
N SER A 46 7.94 -5.95 -3.62
CA SER A 46 8.33 -4.61 -2.92
C SER A 46 7.38 -3.44 -3.39
N GLY A 47 6.52 -2.90 -2.44
CA GLY A 47 5.53 -1.74 -2.72
C GLY A 47 5.92 -0.49 -1.84
N HIS A 48 5.87 0.77 -2.44
CA HIS A 48 6.25 2.11 -1.67
C HIS A 48 5.57 3.40 -2.32
N CYS A 49 5.49 4.57 -1.53
CA CYS A 49 4.88 5.92 -2.08
C CYS A 49 6.04 6.94 -2.47
N SER A 50 6.08 7.41 -3.80
CA SER A 50 7.19 8.44 -4.33
C SER A 50 6.82 8.99 -5.81
N ASN A 51 5.48 9.18 -6.14
CA ASN A 51 5.03 9.64 -7.59
C ASN A 51 4.37 11.04 -7.55
N PHE A 52 3.44 11.32 -6.52
CA PHE A 52 2.68 12.70 -6.34
C PHE A 52 1.87 13.18 -7.66
N PHE A 53 1.51 12.22 -8.63
CA PHE A 53 0.64 12.61 -9.88
C PHE A 53 -0.87 12.40 -9.51
N LYS A 54 -1.31 11.09 -9.21
CA LYS A 54 -2.80 10.73 -8.80
C LYS A 54 -2.96 9.21 -8.29
N PHE A 55 -1.85 8.57 -7.70
CA PHE A 55 -1.92 7.08 -7.16
C PHE A 55 -1.05 6.90 -5.86
N GLN A 56 0.25 7.45 -5.82
CA GLN A 56 1.23 7.36 -4.58
C GLN A 56 1.55 5.83 -4.14
N CYS A 57 1.65 4.87 -5.16
CA CYS A 57 2.03 3.37 -4.86
C CYS A 57 2.74 2.72 -6.13
N TRP A 58 4.10 2.41 -6.03
CA TRP A 58 4.92 1.72 -7.16
C TRP A 58 5.28 0.29 -6.64
N CYS A 59 4.75 -0.82 -7.31
CA CYS A 59 5.01 -2.30 -6.85
C CYS A 59 6.04 -2.95 -7.85
N THR A 60 7.04 -3.78 -7.31
CA THR A 60 8.15 -4.44 -8.20
C THR A 60 7.99 -6.02 -8.11
N ARG A 61 8.13 -6.74 -9.29
CA ARG A 61 8.06 -8.30 -9.35
C ARG A 61 9.46 -8.90 -9.03
N ASP A 1 7.93 -12.28 -6.80
CA ASP A 1 7.59 -10.83 -6.44
C ASP A 1 7.29 -9.96 -7.73
N VAL A 2 6.19 -9.11 -7.71
CA VAL A 2 5.78 -8.20 -8.93
C VAL A 2 5.45 -6.72 -8.45
N LEU A 3 5.42 -5.72 -9.44
CA LEU A 3 5.10 -4.21 -9.09
C LEU A 3 3.53 -4.00 -8.86
N SER A 4 3.02 -4.32 -7.57
CA SER A 4 1.50 -4.20 -7.12
C SER A 4 0.56 -5.14 -7.97
N GLY A 5 -0.48 -5.80 -7.29
CA GLY A 5 -1.52 -6.71 -8.00
C GLY A 5 -2.51 -5.87 -8.89
N LYS A 6 -2.96 -4.64 -8.39
CA LYS A 6 -3.99 -3.74 -9.14
C LYS A 6 -3.48 -2.22 -9.32
N TYR A 7 -2.13 -1.88 -8.98
CA TYR A 7 -1.48 -0.44 -9.13
C TYR A 7 -2.18 0.64 -8.19
N LYS A 8 -1.35 1.50 -7.46
CA LYS A 8 -1.89 2.65 -6.52
C LYS A 8 -1.04 4.00 -6.70
N GLY A 9 -1.19 5.02 -5.74
CA GLY A 9 -0.52 6.40 -5.86
C GLY A 9 0.99 6.40 -5.34
N PRO A 10 1.64 7.67 -5.29
CA PRO A 10 3.11 7.78 -4.80
C PRO A 10 3.24 7.60 -3.22
N CYS A 11 4.53 7.44 -2.70
CA CYS A 11 4.81 7.26 -1.15
C CYS A 11 5.12 8.67 -0.54
N TYR A 12 4.35 9.11 0.55
CA TYR A 12 4.56 10.49 1.23
C TYR A 12 4.59 10.31 2.84
N PHE A 13 3.41 10.42 3.60
CA PHE A 13 3.35 10.26 5.18
C PHE A 13 1.80 10.19 5.70
N GLY A 14 0.86 9.58 4.87
CA GLY A 14 -0.64 9.50 5.22
C GLY A 14 -1.37 10.68 4.51
N ILE A 15 -2.52 10.40 3.77
CA ILE A 15 -3.33 11.50 3.00
C ILE A 15 -4.88 11.14 2.85
N ILE A 16 -5.27 9.81 2.70
CA ILE A 16 -6.79 9.38 2.48
C ILE A 16 -7.69 9.71 3.76
N PRO A 17 -9.07 10.05 3.55
CA PRO A 17 -9.98 10.30 4.76
C PRO A 17 -10.52 8.93 5.35
N CYS A 18 -11.14 8.02 4.47
CA CYS A 18 -11.66 6.62 4.92
C CYS A 18 -11.45 5.55 3.79
N PHE A 19 -10.81 4.36 4.13
CA PHE A 19 -10.54 3.20 3.07
C PHE A 19 -10.28 1.82 3.82
N VAL A 20 -9.43 1.82 4.91
CA VAL A 20 -9.09 0.56 5.77
C VAL A 20 -9.39 0.88 7.33
N ARG A 21 -8.71 0.17 8.34
CA ARG A 21 -8.98 0.45 9.90
C ARG A 21 -8.60 1.95 10.32
N GLY A 22 -7.67 2.66 9.55
CA GLY A 22 -7.25 4.12 9.85
C GLY A 22 -8.19 5.13 9.08
N CYS A 23 -9.56 5.02 9.29
CA CYS A 23 -10.62 6.01 8.66
C CYS A 23 -10.88 7.14 9.73
N LYS A 24 -11.36 6.75 10.97
CA LYS A 24 -11.68 7.76 12.16
C LYS A 24 -10.38 8.57 12.63
N PRO A 25 -9.17 7.83 12.85
CA PRO A 25 -7.88 8.60 13.27
C PRO A 25 -7.26 9.48 12.08
N LYS A 26 -7.61 9.21 10.73
CA LYS A 26 -7.07 10.00 9.45
C LYS A 26 -5.52 9.84 9.27
N LEU A 27 -5.00 9.86 7.95
CA LEU A 27 -3.46 9.73 7.58
C LEU A 27 -2.84 8.35 8.15
N PHE A 28 -2.52 7.36 7.23
CA PHE A 28 -1.91 5.96 7.66
C PHE A 28 -0.39 6.04 8.16
N ASP A 29 0.32 7.26 8.12
CA ASP A 29 1.84 7.47 8.55
C ASP A 29 2.87 6.93 7.47
N ALA A 30 2.63 5.69 6.87
CA ALA A 30 3.56 5.10 5.77
C ALA A 30 2.70 4.38 4.66
N HIS A 31 3.03 4.58 3.31
CA HIS A 31 2.24 3.85 2.11
C HIS A 31 2.31 2.25 2.21
N ARG A 32 3.32 1.64 2.99
CA ARG A 32 3.45 0.06 3.18
C ARG A 32 2.09 -0.57 3.78
N LYS A 33 1.41 0.12 4.79
CA LYS A 33 0.04 -0.44 5.43
C LYS A 33 -1.11 -0.50 4.33
N LEU A 34 -1.26 0.62 3.49
CA LEU A 34 -2.32 0.66 2.32
C LEU A 34 -1.86 -0.29 1.11
N CYS A 35 -0.48 -0.40 0.82
CA CYS A 35 0.08 -1.31 -0.35
C CYS A 35 -0.23 -2.85 -0.08
N ILE A 36 0.11 -3.40 1.16
CA ILE A 36 -0.19 -4.92 1.53
C ILE A 36 -1.75 -5.19 1.69
N LYS A 37 -2.56 -4.19 2.27
CA LYS A 37 -4.13 -4.36 2.41
C LYS A 37 -4.85 -4.39 0.99
N LEU A 38 -4.37 -3.55 -0.02
CA LEU A 38 -5.00 -3.48 -1.45
C LEU A 38 -4.62 -4.73 -2.31
N CYS A 39 -3.29 -5.20 -2.32
CA CYS A 39 -2.87 -6.43 -3.20
C CYS A 39 -3.24 -7.82 -2.57
N LYS A 40 -3.30 -7.94 -1.16
CA LYS A 40 -3.70 -9.32 -0.48
C LYS A 40 -5.18 -9.82 -0.91
N GLN A 41 -6.10 -8.86 -1.37
CA GLN A 41 -7.55 -9.26 -1.90
C GLN A 41 -7.44 -10.08 -3.28
N GLU A 42 -6.48 -9.68 -4.22
CA GLU A 42 -6.27 -10.44 -5.60
C GLU A 42 -5.53 -11.84 -5.36
N GLY A 43 -4.40 -11.85 -4.54
CA GLY A 43 -3.61 -13.16 -4.24
C GLY A 43 -2.13 -12.87 -3.78
N PHE A 44 -1.95 -12.08 -2.65
CA PHE A 44 -0.54 -11.72 -2.06
C PHE A 44 -0.58 -11.71 -0.47
N LYS A 45 0.62 -11.50 0.22
CA LYS A 45 0.71 -11.47 1.78
C LYS A 45 1.77 -10.42 2.35
N SER A 46 2.94 -10.17 1.62
CA SER A 46 4.01 -9.17 2.12
C SER A 46 4.22 -8.04 1.03
N GLY A 47 3.75 -6.77 1.34
CA GLY A 47 3.85 -5.55 0.37
C GLY A 47 4.73 -4.43 1.01
N HIS A 48 5.61 -3.73 0.18
CA HIS A 48 6.53 -2.57 0.70
C HIS A 48 6.97 -1.54 -0.44
N CYS A 49 7.44 -0.30 -0.04
CA CYS A 49 7.92 0.81 -1.04
C CYS A 49 9.51 0.88 -0.94
N SER A 50 10.25 0.45 -2.05
CA SER A 50 11.82 0.45 -2.06
C SER A 50 12.45 0.38 -3.55
N ASN A 51 11.68 0.75 -4.66
CA ASN A 51 12.25 0.68 -6.13
C ASN A 51 12.53 2.11 -6.69
N PHE A 52 11.56 3.11 -6.49
CA PHE A 52 11.70 4.61 -7.01
C PHE A 52 12.05 4.71 -8.59
N PHE A 53 11.70 3.63 -9.45
CA PHE A 53 11.93 3.71 -11.00
C PHE A 53 10.68 4.43 -11.65
N LYS A 54 9.42 3.82 -11.50
CA LYS A 54 8.06 4.44 -12.04
C LYS A 54 6.78 3.61 -11.49
N PHE A 55 6.88 2.98 -10.24
CA PHE A 55 5.72 2.13 -9.58
C PHE A 55 5.82 2.07 -8.01
N GLN A 56 7.10 2.00 -7.40
CA GLN A 56 7.40 2.01 -5.85
C GLN A 56 6.89 0.71 -5.13
N CYS A 57 5.54 0.40 -5.16
CA CYS A 57 4.91 -0.87 -4.42
C CYS A 57 5.54 -2.24 -4.95
N TRP A 58 5.92 -3.17 -3.99
CA TRP A 58 6.55 -4.55 -4.31
C TRP A 58 5.79 -5.66 -3.45
N CYS A 59 4.78 -6.38 -4.06
CA CYS A 59 3.94 -7.46 -3.28
C CYS A 59 4.51 -8.89 -3.60
N THR A 60 4.67 -9.77 -2.52
CA THR A 60 5.25 -11.21 -2.68
C THR A 60 4.11 -12.24 -2.26
N ARG A 61 3.94 -13.37 -3.08
CA ARG A 61 2.85 -14.49 -2.79
C ARG A 61 3.29 -15.37 -1.59
N ASP A 1 9.61 -4.29 -12.54
CA ASP A 1 8.80 -3.42 -11.58
C ASP A 1 7.86 -2.41 -12.35
N VAL A 2 6.60 -2.16 -11.83
CA VAL A 2 5.56 -1.18 -12.50
C VAL A 2 4.94 -0.18 -11.43
N LEU A 3 4.33 0.99 -11.92
CA LEU A 3 3.68 2.04 -10.95
C LEU A 3 2.22 1.56 -10.48
N SER A 4 2.16 0.43 -9.62
CA SER A 4 0.84 -0.20 -9.02
C SER A 4 -0.21 -0.63 -10.15
N GLY A 5 -0.56 -1.99 -10.23
CA GLY A 5 -1.62 -2.55 -11.21
C GLY A 5 -3.08 -2.03 -10.86
N LYS A 6 -3.41 -1.93 -9.50
CA LYS A 6 -4.82 -1.45 -8.99
C LYS A 6 -4.67 -0.03 -8.31
N TYR A 7 -5.80 0.80 -8.27
CA TYR A 7 -5.74 2.25 -7.61
C TYR A 7 -5.61 2.19 -6.03
N LYS A 8 -5.00 3.28 -5.41
CA LYS A 8 -4.70 3.33 -3.88
C LYS A 8 -4.60 4.83 -3.34
N GLY A 9 -4.23 5.02 -1.99
CA GLY A 9 -4.16 6.42 -1.31
C GLY A 9 -2.66 6.90 -1.05
N PRO A 10 -2.50 8.13 -0.32
CA PRO A 10 -1.08 8.66 0.01
C PRO A 10 -0.39 7.85 1.22
N CYS A 11 0.97 8.04 1.44
CA CYS A 11 1.75 7.32 2.59
C CYS A 11 1.87 8.30 3.81
N TYR A 12 1.23 7.95 5.01
CA TYR A 12 1.24 8.84 6.28
C TYR A 12 1.66 7.96 7.56
N PHE A 13 0.67 7.30 8.34
CA PHE A 13 0.99 6.42 9.62
C PHE A 13 -0.31 5.56 10.10
N GLY A 14 -1.22 5.14 9.13
CA GLY A 14 -2.50 4.34 9.46
C GLY A 14 -3.72 5.31 9.47
N ILE A 15 -4.83 4.99 8.70
CA ILE A 15 -6.12 5.88 8.63
C ILE A 15 -7.46 5.07 8.35
N ILE A 16 -7.41 3.84 7.67
CA ILE A 16 -8.73 3.02 7.31
C ILE A 16 -9.45 2.43 8.62
N PRO A 17 -10.88 2.22 8.57
CA PRO A 17 -11.61 1.61 9.79
C PRO A 17 -11.41 0.03 9.86
N CYS A 18 -11.57 -0.70 8.67
CA CYS A 18 -11.39 -2.26 8.63
C CYS A 18 -10.89 -2.70 7.18
N PHE A 19 -9.77 -3.54 7.09
CA PHE A 19 -9.26 -4.09 5.68
C PHE A 19 -8.24 -5.29 5.87
N VAL A 20 -7.26 -5.16 6.84
CA VAL A 20 -6.16 -6.26 7.12
C VAL A 20 -6.29 -6.78 8.64
N ARG A 21 -5.17 -7.35 9.29
CA ARG A 21 -5.22 -7.90 10.79
C ARG A 21 -5.62 -6.76 11.82
N GLY A 22 -5.17 -5.45 11.59
CA GLY A 22 -5.48 -4.27 12.50
C GLY A 22 -6.85 -3.60 12.10
N CYS A 23 -8.00 -4.40 12.07
CA CYS A 23 -9.43 -3.81 11.79
C CYS A 23 -10.01 -3.29 13.18
N LYS A 24 -10.11 -4.21 14.23
CA LYS A 24 -10.69 -3.81 15.67
C LYS A 24 -9.81 -2.68 16.37
N PRO A 25 -8.38 -2.85 16.38
CA PRO A 25 -7.49 -1.73 16.98
C PRO A 25 -7.41 -0.42 16.04
N LYS A 26 -7.82 -0.51 14.68
CA LYS A 26 -7.77 0.69 13.63
C LYS A 26 -6.30 1.22 13.39
N LEU A 27 -6.06 1.98 12.22
CA LEU A 27 -4.66 2.56 11.79
C LEU A 27 -3.59 1.38 11.58
N PHE A 28 -3.19 1.09 10.28
CA PHE A 28 -2.13 -0.06 9.93
C PHE A 28 -0.63 0.29 10.35
N ASP A 29 -0.33 1.57 10.90
CA ASP A 29 1.13 2.06 11.33
C ASP A 29 2.02 2.45 10.07
N ALA A 30 2.09 1.58 8.98
CA ALA A 30 2.91 1.90 7.71
C ALA A 30 2.09 1.55 6.40
N HIS A 31 2.00 2.50 5.39
CA HIS A 31 1.22 2.25 4.02
C HIS A 31 1.88 1.07 3.15
N ARG A 32 3.22 0.70 3.40
CA ARG A 32 3.94 -0.52 2.64
C ARG A 32 3.13 -1.89 2.89
N LYS A 33 2.59 -2.12 4.18
CA LYS A 33 1.72 -3.41 4.52
C LYS A 33 0.34 -3.40 3.69
N LEU A 34 -0.37 -2.20 3.65
CA LEU A 34 -1.74 -2.06 2.83
C LEU A 34 -1.47 -2.10 1.26
N CYS A 35 -0.31 -1.46 0.76
CA CYS A 35 0.05 -1.45 -0.80
C CYS A 35 0.34 -2.92 -1.32
N ILE A 36 1.23 -3.73 -0.60
CA ILE A 36 1.57 -5.22 -1.02
C ILE A 36 0.31 -6.19 -0.86
N LYS A 37 -0.56 -5.99 0.23
CA LYS A 37 -1.87 -6.90 0.44
C LYS A 37 -2.94 -6.68 -0.72
N LEU A 38 -3.15 -5.38 -1.18
CA LEU A 38 -4.13 -5.06 -2.38
C LEU A 38 -3.45 -5.48 -3.77
N CYS A 39 -2.11 -5.16 -3.97
CA CYS A 39 -1.33 -5.44 -5.32
C CYS A 39 -1.09 -6.99 -5.54
N LYS A 40 -0.82 -7.81 -4.42
CA LYS A 40 -0.58 -9.38 -4.58
C LYS A 40 -1.84 -10.16 -5.18
N GLN A 41 -3.11 -9.58 -5.07
CA GLN A 41 -4.41 -10.24 -5.69
C GLN A 41 -4.31 -10.28 -7.30
N GLU A 42 -3.74 -9.17 -7.96
CA GLU A 42 -3.56 -9.14 -9.53
C GLU A 42 -2.35 -10.10 -9.96
N GLY A 43 -1.14 -10.02 -9.25
CA GLY A 43 0.08 -10.94 -9.61
C GLY A 43 1.44 -10.27 -9.22
N PHE A 44 1.64 -9.94 -7.88
CA PHE A 44 2.95 -9.27 -7.35
C PHE A 44 3.33 -9.84 -5.91
N LYS A 45 4.60 -9.56 -5.41
CA LYS A 45 5.09 -10.08 -4.02
C LYS A 45 5.71 -8.95 -3.10
N SER A 46 6.38 -7.86 -3.71
CA SER A 46 7.03 -6.74 -2.87
C SER A 46 6.48 -5.31 -3.35
N GLY A 47 5.62 -4.65 -2.48
CA GLY A 47 5.00 -3.26 -2.74
C GLY A 47 5.54 -2.25 -1.66
N HIS A 48 5.96 -0.99 -2.08
CA HIS A 48 6.55 0.10 -1.09
C HIS A 48 6.42 1.60 -1.67
N CYS A 49 6.70 2.66 -0.80
CA CYS A 49 6.61 4.18 -1.26
C CYS A 49 8.08 4.61 -1.67
N SER A 50 8.36 4.94 -3.02
CA SER A 50 9.86 5.29 -3.50
C SER A 50 9.95 6.11 -4.91
N ASN A 51 8.83 6.71 -5.43
CA ASN A 51 8.85 7.56 -6.80
C ASN A 51 8.81 9.11 -6.57
N PHE A 52 8.14 9.61 -5.43
CA PHE A 52 8.06 11.15 -5.03
C PHE A 52 7.53 12.12 -6.22
N PHE A 53 6.80 11.56 -7.28
CA PHE A 53 6.17 12.47 -8.40
C PHE A 53 4.65 12.72 -8.03
N LYS A 54 3.77 11.62 -8.06
CA LYS A 54 2.23 11.72 -7.69
C LYS A 54 1.52 10.27 -7.56
N PHE A 55 2.31 9.15 -7.27
CA PHE A 55 1.73 7.70 -7.13
C PHE A 55 1.95 7.18 -5.66
N GLN A 56 3.25 7.32 -5.11
CA GLN A 56 3.72 6.79 -3.71
C GLN A 56 3.48 5.20 -3.49
N CYS A 57 3.35 4.37 -4.62
CA CYS A 57 3.26 2.80 -4.52
C CYS A 57 4.04 2.16 -5.76
N TRP A 58 5.15 1.36 -5.49
CA TRP A 58 6.00 0.68 -6.59
C TRP A 58 5.94 -0.89 -6.31
N CYS A 59 5.26 -1.68 -7.23
CA CYS A 59 5.11 -3.23 -7.04
C CYS A 59 6.20 -3.98 -7.89
N THR A 60 6.84 -5.09 -7.32
CA THR A 60 7.87 -5.96 -8.09
C THR A 60 7.29 -7.44 -8.15
N ARG A 61 7.34 -8.10 -9.38
CA ARG A 61 6.78 -9.57 -9.58
C ARG A 61 7.82 -10.61 -9.05
N ASP A 1 11.67 -3.14 -11.15
CA ASP A 1 10.45 -3.28 -10.22
C ASP A 1 10.31 -4.74 -9.62
N VAL A 2 9.76 -4.87 -8.35
CA VAL A 2 9.58 -6.24 -7.62
C VAL A 2 8.04 -6.42 -7.23
N LEU A 3 7.56 -7.73 -7.22
CA LEU A 3 6.08 -8.08 -6.89
C LEU A 3 5.95 -8.48 -5.35
N SER A 4 5.55 -7.47 -4.46
CA SER A 4 5.33 -7.64 -2.90
C SER A 4 6.41 -8.53 -2.11
N GLY A 5 7.29 -7.86 -1.23
CA GLY A 5 8.33 -8.60 -0.37
C GLY A 5 7.66 -9.38 0.83
N LYS A 6 6.61 -8.76 1.55
CA LYS A 6 5.96 -9.41 2.84
C LYS A 6 4.50 -8.82 3.17
N TYR A 7 3.61 -8.54 2.13
CA TYR A 7 2.17 -7.91 2.38
C TYR A 7 1.13 -8.23 1.22
N LYS A 8 -0.24 -8.01 1.51
CA LYS A 8 -1.36 -8.10 0.43
C LYS A 8 -2.56 -7.12 0.84
N GLY A 9 -3.02 -6.19 -0.10
CA GLY A 9 -4.20 -5.21 0.21
C GLY A 9 -5.01 -4.84 -1.11
N PRO A 10 -6.43 -4.62 -0.97
CA PRO A 10 -7.25 -4.21 -2.21
C PRO A 10 -7.07 -2.66 -2.57
N CYS A 11 -7.39 -2.25 -3.85
CA CYS A 11 -7.31 -0.76 -4.32
C CYS A 11 -8.81 -0.23 -4.46
N TYR A 12 -9.35 0.48 -3.39
CA TYR A 12 -10.81 0.98 -3.34
C TYR A 12 -10.84 2.56 -2.96
N PHE A 13 -10.89 2.95 -1.60
CA PHE A 13 -10.96 4.46 -1.14
C PHE A 13 -10.69 4.61 0.46
N GLY A 14 -9.85 3.68 1.08
CA GLY A 14 -9.56 3.69 2.59
C GLY A 14 -10.51 2.68 3.31
N ILE A 15 -9.96 1.78 4.20
CA ILE A 15 -10.81 0.71 4.99
C ILE A 15 -10.10 0.22 6.35
N ILE A 16 -8.71 0.18 6.42
CA ILE A 16 -7.92 -0.42 7.67
C ILE A 16 -8.17 0.39 9.04
N PRO A 17 -8.01 -0.35 10.27
CA PRO A 17 -8.15 0.37 11.64
C PRO A 17 -6.76 1.13 11.99
N CYS A 18 -6.42 1.42 13.34
CA CYS A 18 -5.06 2.18 13.73
C CYS A 18 -3.81 1.34 13.20
N PHE A 19 -2.86 2.01 12.42
CA PHE A 19 -1.64 1.25 11.76
C PHE A 19 -0.42 2.22 11.51
N VAL A 20 -0.68 3.43 10.87
CA VAL A 20 0.45 4.48 10.52
C VAL A 20 -0.07 5.97 10.85
N ARG A 21 0.41 7.07 10.11
CA ARG A 21 -0.07 8.57 10.39
C ARG A 21 -1.66 8.77 10.19
N GLY A 22 -2.37 7.82 9.45
CA GLY A 22 -3.90 7.90 9.21
C GLY A 22 -4.76 7.21 10.37
N CYS A 23 -4.16 6.87 11.61
CA CYS A 23 -4.98 6.23 12.82
C CYS A 23 -6.13 7.24 13.31
N LYS A 24 -5.76 8.56 13.56
CA LYS A 24 -6.79 9.64 14.10
C LYS A 24 -7.91 9.98 13.00
N PRO A 25 -7.49 10.32 11.68
CA PRO A 25 -8.55 10.63 10.60
C PRO A 25 -9.33 9.31 10.09
N LYS A 26 -8.67 8.06 10.15
CA LYS A 26 -9.28 6.67 9.63
C LYS A 26 -9.57 6.70 8.07
N LEU A 27 -9.47 5.49 7.34
CA LEU A 27 -9.65 5.35 5.77
C LEU A 27 -8.53 6.23 5.02
N PHE A 28 -7.47 5.55 4.43
CA PHE A 28 -6.26 6.30 3.72
C PHE A 28 -6.63 7.08 2.38
N ASP A 29 -7.92 6.97 1.82
CA ASP A 29 -8.42 7.69 0.47
C ASP A 29 -7.85 7.00 -0.83
N ALA A 30 -6.52 6.58 -0.86
CA ALA A 30 -5.89 5.85 -2.09
C ALA A 30 -4.85 4.77 -1.60
N HIS A 31 -4.84 3.50 -2.19
CA HIS A 31 -3.82 2.36 -1.73
C HIS A 31 -2.29 2.78 -1.99
N ARG A 32 -1.98 3.84 -2.87
CA ARG A 32 -0.48 4.35 -3.14
C ARG A 32 0.22 4.81 -1.76
N LYS A 33 -0.52 5.55 -0.83
CA LYS A 33 0.08 6.03 0.57
C LYS A 33 0.43 4.78 1.50
N LEU A 34 -0.51 3.75 1.62
CA LEU A 34 -0.21 2.42 2.45
C LEU A 34 0.84 1.50 1.68
N CYS A 35 0.79 1.47 0.27
CA CYS A 35 1.78 0.61 -0.64
C CYS A 35 3.29 1.05 -0.42
N ILE A 36 3.62 2.39 -0.53
CA ILE A 36 5.11 2.91 -0.31
C ILE A 36 5.50 2.93 1.24
N LYS A 37 4.52 3.23 2.19
CA LYS A 37 4.86 3.27 3.75
C LYS A 37 5.19 1.82 4.34
N LEU A 38 4.46 0.73 3.88
CA LEU A 38 4.75 -0.74 4.39
C LEU A 38 5.90 -1.41 3.55
N CYS A 39 5.94 -1.19 2.16
CA CYS A 39 7.07 -1.82 1.21
C CYS A 39 8.50 -1.21 1.57
N LYS A 40 8.61 0.16 1.95
CA LYS A 40 10.01 0.80 2.33
C LYS A 40 10.71 0.07 3.58
N GLN A 41 9.87 -0.62 4.51
CA GLN A 41 10.46 -1.42 5.74
C GLN A 41 11.34 -2.66 5.25
N GLU A 42 10.90 -3.39 4.13
CA GLU A 42 11.73 -4.61 3.55
C GLU A 42 13.02 -4.09 2.79
N GLY A 43 12.86 -3.04 1.87
CA GLY A 43 14.09 -2.43 1.10
C GLY A 43 13.64 -1.74 -0.24
N PHE A 44 12.70 -0.72 -0.17
CA PHE A 44 12.18 0.05 -1.43
C PHE A 44 11.93 1.59 -1.11
N LYS A 45 11.57 2.43 -2.17
CA LYS A 45 11.30 3.96 -1.98
C LYS A 45 10.14 4.53 -2.89
N SER A 46 9.83 3.90 -4.12
CA SER A 46 8.67 4.39 -5.03
C SER A 46 7.59 3.22 -5.20
N GLY A 47 6.39 3.35 -4.51
CA GLY A 47 5.26 2.29 -4.55
C GLY A 47 3.92 2.95 -5.02
N HIS A 48 3.13 2.25 -5.96
CA HIS A 48 1.75 2.79 -6.48
C HIS A 48 0.77 1.65 -7.01
N CYS A 49 -0.59 1.96 -7.13
CA CYS A 49 -1.67 0.95 -7.71
C CYS A 49 -1.56 0.96 -9.29
N SER A 50 -1.30 -0.26 -9.94
CA SER A 50 -1.12 -0.37 -11.49
C SER A 50 -1.52 -1.79 -12.07
N ASN A 51 -1.44 -2.94 -11.27
CA ASN A 51 -1.70 -4.38 -11.83
C ASN A 51 -2.73 -5.14 -10.90
N PHE A 52 -4.06 -5.20 -11.32
CA PHE A 52 -5.19 -5.93 -10.53
C PHE A 52 -5.30 -7.48 -10.88
N PHE A 53 -4.13 -8.19 -11.25
CA PHE A 53 -4.13 -9.77 -11.47
C PHE A 53 -4.44 -10.50 -10.10
N LYS A 54 -3.77 -10.03 -8.96
CA LYS A 54 -3.96 -10.65 -7.52
C LYS A 54 -3.29 -9.79 -6.34
N PHE A 55 -2.94 -8.43 -6.56
CA PHE A 55 -2.27 -7.54 -5.42
C PHE A 55 -2.40 -5.99 -5.66
N GLN A 56 -2.38 -5.47 -6.97
CA GLN A 56 -2.47 -3.93 -7.37
C GLN A 56 -1.16 -3.09 -7.06
N CYS A 57 -0.52 -3.24 -5.84
CA CYS A 57 0.77 -2.43 -5.42
C CYS A 57 2.03 -2.85 -6.33
N TRP A 58 2.79 -1.82 -6.88
CA TRP A 58 4.03 -2.02 -7.79
C TRP A 58 5.24 -1.27 -7.12
N CYS A 59 6.30 -2.01 -6.59
CA CYS A 59 7.51 -1.30 -5.84
C CYS A 59 8.76 -1.21 -6.78
N THR A 60 9.43 0.02 -6.85
CA THR A 60 10.71 0.24 -7.69
C THR A 60 11.85 0.77 -6.71
N ARG A 61 13.12 0.20 -6.83
CA ARG A 61 14.34 0.67 -5.95
C ARG A 61 15.03 1.89 -6.64
N ASP A 1 10.45 -3.45 -11.68
CA ASP A 1 9.11 -3.37 -10.93
C ASP A 1 8.39 -4.79 -10.89
N VAL A 2 8.04 -5.31 -9.65
CA VAL A 2 7.32 -6.71 -9.47
C VAL A 2 6.16 -6.65 -8.38
N LEU A 3 5.36 -7.79 -8.23
CA LEU A 3 4.18 -7.85 -7.17
C LEU A 3 4.75 -7.88 -5.68
N SER A 4 3.89 -7.49 -4.64
CA SER A 4 4.36 -7.43 -3.13
C SER A 4 4.60 -8.87 -2.52
N GLY A 5 5.62 -9.00 -1.58
CA GLY A 5 5.94 -10.34 -0.86
C GLY A 5 5.14 -10.50 0.51
N LYS A 6 4.39 -9.42 1.02
CA LYS A 6 3.56 -9.51 2.36
C LYS A 6 1.98 -9.51 2.07
N TYR A 7 1.52 -10.01 0.82
CA TYR A 7 0.00 -10.05 0.36
C TYR A 7 -0.66 -8.60 0.30
N LYS A 8 -1.88 -8.47 -0.35
CA LYS A 8 -2.60 -7.11 -0.58
C LYS A 8 -4.19 -7.20 -0.53
N GLY A 9 -4.90 -6.00 -0.67
CA GLY A 9 -6.45 -5.92 -0.71
C GLY A 9 -6.93 -4.99 -1.92
N PRO A 10 -8.30 -4.55 -1.91
CA PRO A 10 -8.81 -3.60 -3.04
C PRO A 10 -8.29 -2.11 -2.81
N CYS A 11 -8.15 -1.26 -3.93
CA CYS A 11 -7.66 0.23 -3.79
C CYS A 11 -8.91 1.13 -3.36
N TYR A 12 -8.97 1.55 -2.04
CA TYR A 12 -10.13 2.41 -1.43
C TYR A 12 -9.52 3.77 -0.82
N PHE A 13 -10.36 4.62 -0.12
CA PHE A 13 -9.89 6.00 0.49
C PHE A 13 -9.72 5.96 2.09
N GLY A 14 -9.57 4.72 2.73
CA GLY A 14 -9.33 4.59 4.26
C GLY A 14 -10.47 3.72 4.92
N ILE A 15 -10.08 2.66 5.75
CA ILE A 15 -11.11 1.72 6.50
C ILE A 15 -10.47 0.95 7.75
N ILE A 16 -9.09 0.68 7.78
CA ILE A 16 -8.40 -0.17 8.94
C ILE A 16 -8.60 0.47 10.41
N PRO A 17 -8.80 -0.44 11.52
CA PRO A 17 -8.86 0.09 12.97
C PRO A 17 -7.39 0.02 13.61
N CYS A 18 -6.53 1.13 13.43
CA CYS A 18 -5.04 1.23 13.94
C CYS A 18 -4.10 0.15 13.24
N PHE A 19 -2.90 0.61 12.67
CA PHE A 19 -1.87 -0.37 11.98
C PHE A 19 -0.42 0.27 11.94
N VAL A 20 -0.31 1.58 11.49
CA VAL A 20 1.07 2.35 11.37
C VAL A 20 0.88 3.88 11.88
N ARG A 21 1.60 4.93 11.28
CA ARG A 21 1.47 6.45 11.73
C ARG A 21 -0.06 6.97 11.64
N GLY A 22 -0.90 6.43 10.65
CA GLY A 22 -2.37 6.83 10.48
C GLY A 22 -3.30 5.95 11.38
N CYS A 23 -3.04 5.90 12.75
CA CYS A 23 -3.95 5.13 13.78
C CYS A 23 -4.88 6.21 14.48
N LYS A 24 -4.25 7.27 15.14
CA LYS A 24 -5.07 8.40 15.94
C LYS A 24 -6.08 9.20 15.01
N PRO A 25 -5.58 9.68 13.75
CA PRO A 25 -6.56 10.43 12.80
C PRO A 25 -7.64 9.46 12.11
N LYS A 26 -7.41 8.05 12.08
CA LYS A 26 -8.38 6.98 11.41
C LYS A 26 -8.54 7.21 9.85
N LEU A 27 -8.76 6.07 9.03
CA LEU A 27 -8.90 6.10 7.46
C LEU A 27 -7.57 6.70 6.78
N PHE A 28 -6.76 5.81 6.07
CA PHE A 28 -5.38 6.26 5.41
C PHE A 28 -5.51 7.30 4.21
N ASP A 29 -6.78 7.68 3.71
CA ASP A 29 -7.05 8.72 2.50
C ASP A 29 -6.80 8.06 1.09
N ALA A 30 -5.69 7.23 0.91
CA ALA A 30 -5.39 6.47 -0.43
C ALA A 30 -4.63 5.11 -0.12
N HIS A 31 -4.97 3.96 -0.83
CA HIS A 31 -4.22 2.56 -0.60
C HIS A 31 -2.65 2.64 -0.99
N ARG A 32 -2.20 3.69 -1.83
CA ARG A 32 -0.65 3.88 -2.22
C ARG A 32 0.25 4.04 -0.90
N LYS A 33 -0.26 4.83 0.16
CA LYS A 33 0.50 5.00 1.54
C LYS A 33 0.54 3.59 2.33
N LEU A 34 -0.62 2.82 2.35
CA LEU A 34 -0.68 1.40 3.09
C LEU A 34 0.20 0.32 2.32
N CYS A 35 0.17 0.32 0.91
CA CYS A 35 1.02 -0.73 0.06
C CYS A 35 2.57 -0.48 0.24
N ILE A 36 3.07 0.83 0.09
CA ILE A 36 4.61 1.17 0.28
C ILE A 36 5.10 0.96 1.78
N LYS A 37 4.21 1.26 2.83
CA LYS A 37 4.62 1.02 4.35
C LYS A 37 4.80 -0.53 4.70
N LEU A 38 3.86 -1.42 4.17
CA LEU A 38 3.97 -2.97 4.38
C LEU A 38 5.06 -3.61 3.40
N CYS A 39 5.07 -3.17 2.07
CA CYS A 39 6.06 -3.75 0.97
C CYS A 39 7.56 -3.34 1.27
N LYS A 40 7.84 -2.07 1.83
CA LYS A 40 9.34 -1.63 2.14
C LYS A 40 10.05 -2.56 3.23
N GLN A 41 9.25 -3.24 4.17
CA GLN A 41 9.84 -4.23 5.25
C GLN A 41 10.46 -5.52 4.53
N GLU A 42 9.78 -6.07 3.42
CA GLU A 42 10.34 -7.31 2.62
C GLU A 42 11.60 -6.91 1.76
N GLY A 43 11.57 -5.71 1.02
CA GLY A 43 12.81 -5.22 0.19
C GLY A 43 12.40 -4.33 -1.02
N PHE A 44 11.57 -3.23 -0.78
CA PHE A 44 11.08 -2.25 -1.92
C PHE A 44 11.10 -0.74 -1.44
N LYS A 45 10.85 0.25 -2.41
CA LYS A 45 10.94 1.78 -2.08
C LYS A 45 9.65 2.54 -2.50
N SER A 46 9.05 2.24 -3.74
CA SER A 46 7.80 2.98 -4.26
C SER A 46 6.66 1.95 -4.63
N GLY A 47 5.51 1.96 -3.84
CA GLY A 47 4.31 1.02 -4.04
C GLY A 47 3.03 1.86 -4.40
N HIS A 48 2.26 1.44 -5.48
CA HIS A 48 0.93 2.17 -5.94
C HIS A 48 -0.07 1.18 -6.68
N CYS A 49 -1.46 1.44 -6.66
CA CYS A 49 -2.48 0.48 -7.38
C CYS A 49 -2.54 0.73 -8.94
N SER A 50 -1.91 -0.21 -9.78
CA SER A 50 -1.86 -0.08 -11.35
C SER A 50 -1.65 -1.50 -12.10
N ASN A 51 -2.00 -2.70 -11.44
CA ASN A 51 -1.83 -4.13 -12.14
C ASN A 51 -2.85 -4.29 -13.34
N PHE A 52 -4.15 -3.78 -13.17
CA PHE A 52 -5.32 -3.96 -14.22
C PHE A 52 -5.67 -5.51 -14.50
N PHE A 53 -5.29 -6.47 -13.54
CA PHE A 53 -5.65 -7.97 -13.67
C PHE A 53 -6.58 -8.36 -12.44
N LYS A 54 -6.02 -8.40 -11.14
CA LYS A 54 -6.86 -8.78 -9.84
C LYS A 54 -6.02 -8.60 -8.47
N PHE A 55 -4.97 -7.67 -8.44
CA PHE A 55 -4.08 -7.49 -7.13
C PHE A 55 -4.17 -6.00 -6.62
N GLN A 56 -4.00 -4.97 -7.58
CA GLN A 56 -3.99 -3.43 -7.26
C GLN A 56 -2.79 -3.02 -6.26
N CYS A 57 -1.57 -3.65 -6.43
CA CYS A 57 -0.27 -3.25 -5.64
C CYS A 57 1.01 -3.47 -6.58
N TRP A 58 1.65 -2.34 -7.08
CA TRP A 58 2.88 -2.41 -8.04
C TRP A 58 4.11 -1.79 -7.26
N CYS A 59 5.04 -2.68 -6.72
CA CYS A 59 6.28 -2.18 -5.89
C CYS A 59 7.53 -2.04 -6.84
N THR A 60 8.42 -0.99 -6.62
CA THR A 60 9.68 -0.73 -7.49
C THR A 60 10.95 -0.66 -6.55
N ARG A 61 12.11 -1.30 -6.98
CA ARG A 61 13.46 -1.26 -6.15
C ARG A 61 14.23 0.11 -6.39
N ASP A 1 -0.53 -6.92 -15.22
CA ASP A 1 -0.62 -6.74 -13.70
C ASP A 1 -0.57 -8.13 -12.95
N VAL A 2 0.21 -8.21 -11.80
CA VAL A 2 0.37 -9.54 -10.97
C VAL A 2 0.35 -9.26 -9.40
N LEU A 3 0.38 -10.38 -8.55
CA LEU A 3 0.35 -10.24 -6.96
C LEU A 3 1.71 -9.60 -6.42
N SER A 4 1.69 -8.97 -5.18
CA SER A 4 2.98 -8.26 -4.57
C SER A 4 4.09 -9.30 -4.16
N GLY A 5 5.41 -8.87 -4.20
CA GLY A 5 6.60 -9.75 -3.75
C GLY A 5 6.80 -9.72 -2.19
N LYS A 6 6.36 -8.59 -1.47
CA LYS A 6 6.51 -8.44 0.07
C LYS A 6 5.07 -8.46 0.73
N TYR A 7 4.88 -9.22 1.88
CA TYR A 7 3.46 -9.40 2.56
C TYR A 7 3.09 -8.14 3.44
N LYS A 8 1.82 -7.59 3.29
CA LYS A 8 1.26 -6.40 4.14
C LYS A 8 -0.21 -6.73 4.70
N GLY A 9 -0.88 -5.71 5.39
CA GLY A 9 -2.27 -5.93 6.06
C GLY A 9 -3.47 -5.64 5.07
N PRO A 10 -4.79 -5.62 5.65
CA PRO A 10 -6.03 -5.31 4.78
C PRO A 10 -6.11 -3.75 4.40
N CYS A 11 -7.09 -3.34 3.49
CA CYS A 11 -7.22 -1.82 3.05
C CYS A 11 -7.90 -0.98 4.23
N TYR A 12 -7.07 -0.14 4.97
CA TYR A 12 -7.57 0.75 6.16
C TYR A 12 -7.47 2.30 5.74
N PHE A 13 -7.66 3.27 6.71
CA PHE A 13 -7.60 4.81 6.43
C PHE A 13 -6.32 5.50 7.09
N GLY A 14 -5.17 4.71 7.32
CA GLY A 14 -3.86 5.28 7.91
C GLY A 14 -3.61 4.71 9.35
N ILE A 15 -2.32 4.28 9.66
CA ILE A 15 -1.92 3.70 11.08
C ILE A 15 -0.33 3.72 11.35
N ILE A 16 0.57 3.71 10.29
CA ILE A 16 2.16 3.63 10.49
C ILE A 16 2.73 4.92 11.26
N PRO A 17 3.86 4.71 12.14
CA PRO A 17 4.50 5.90 12.85
C PRO A 17 5.75 6.44 11.99
N CYS A 18 5.47 7.37 10.97
CA CYS A 18 6.55 8.00 10.00
C CYS A 18 7.29 6.91 9.10
N PHE A 19 7.24 7.08 7.71
CA PHE A 19 7.93 6.08 6.70
C PHE A 19 8.24 6.78 5.31
N VAL A 20 7.23 7.55 4.75
CA VAL A 20 7.38 8.28 3.35
C VAL A 20 6.74 9.76 3.43
N ARG A 21 5.97 10.27 2.36
CA ARG A 21 5.33 11.75 2.38
C ARG A 21 4.32 11.94 3.59
N GLY A 22 3.52 10.86 3.98
CA GLY A 22 2.52 10.93 5.14
C GLY A 22 3.23 10.62 6.50
N CYS A 23 4.32 11.42 6.87
CA CYS A 23 5.06 11.27 8.23
C CYS A 23 4.63 12.46 9.17
N LYS A 24 4.82 13.77 8.70
CA LYS A 24 4.44 15.06 9.55
C LYS A 24 2.88 15.14 9.83
N PRO A 25 1.98 14.94 8.73
CA PRO A 25 0.45 14.96 8.98
C PRO A 25 -0.09 13.66 9.76
N LYS A 26 0.70 12.48 9.80
CA LYS A 26 0.29 11.10 10.49
C LYS A 26 -0.98 10.47 9.81
N LEU A 27 -1.04 9.05 9.71
CA LEU A 27 -2.21 8.25 9.00
C LEU A 27 -2.28 8.61 7.45
N PHE A 28 -1.95 7.63 6.52
CA PHE A 28 -1.93 7.89 4.95
C PHE A 28 -3.35 8.20 4.30
N ASP A 29 -4.54 8.04 5.05
CA ASP A 29 -6.04 8.27 4.50
C ASP A 29 -6.55 7.07 3.59
N ALA A 30 -5.65 6.45 2.72
CA ALA A 30 -6.04 5.21 1.85
C ALA A 30 -4.79 4.24 1.70
N HIS A 31 -4.99 2.86 1.79
CA HIS A 31 -3.78 1.81 1.65
C HIS A 31 -3.10 1.83 0.20
N ARG A 32 -3.75 2.48 -0.89
CA ARG A 32 -3.12 2.59 -2.35
C ARG A 32 -1.68 3.31 -2.28
N LYS A 33 -1.53 4.41 -1.43
CA LYS A 33 -0.13 5.16 -1.24
C LYS A 33 0.93 4.19 -0.55
N LEU A 34 0.48 3.40 0.51
CA LEU A 34 1.43 2.38 1.27
C LEU A 34 1.80 1.13 0.36
N CYS A 35 0.80 0.59 -0.47
CA CYS A 35 1.07 -0.66 -1.42
C CYS A 35 2.11 -0.26 -2.57
N ILE A 36 1.89 0.93 -3.28
CA ILE A 36 2.88 1.41 -4.43
C ILE A 36 4.31 1.83 -3.86
N LYS A 37 4.40 2.46 -2.61
CA LYS A 37 5.81 2.91 -1.99
C LYS A 37 6.62 1.65 -1.46
N LEU A 38 5.94 0.60 -0.86
CA LEU A 38 6.67 -0.68 -0.32
C LEU A 38 6.92 -1.71 -1.51
N CYS A 39 5.90 -1.89 -2.47
CA CYS A 39 6.06 -2.90 -3.69
C CYS A 39 7.12 -2.36 -4.74
N LYS A 40 7.20 -0.97 -5.00
CA LYS A 40 8.26 -0.39 -6.04
C LYS A 40 9.79 -0.75 -5.66
N GLN A 41 10.08 -1.03 -4.31
CA GLN A 41 11.52 -1.48 -3.84
C GLN A 41 11.86 -2.94 -4.43
N GLU A 42 10.83 -3.91 -4.48
CA GLU A 42 11.06 -5.36 -5.06
C GLU A 42 11.20 -5.30 -6.65
N GLY A 43 10.25 -4.58 -7.38
CA GLY A 43 10.35 -4.43 -8.93
C GLY A 43 8.96 -4.06 -9.58
N PHE A 44 8.30 -2.94 -9.10
CA PHE A 44 6.90 -2.46 -9.68
C PHE A 44 6.79 -0.88 -9.73
N LYS A 45 5.64 -0.32 -10.30
CA LYS A 45 5.50 1.23 -10.52
C LYS A 45 4.09 1.76 -10.09
N SER A 46 2.95 1.00 -10.40
CA SER A 46 1.51 1.48 -10.04
C SER A 46 0.76 0.34 -9.27
N GLY A 47 0.38 0.59 -7.96
CA GLY A 47 -0.34 -0.45 -7.07
C GLY A 47 -1.62 0.15 -6.36
N HIS A 48 -2.67 -0.73 -6.08
CA HIS A 48 -4.01 -0.30 -5.36
C HIS A 48 -4.74 -1.55 -4.66
N CYS A 49 -5.71 -1.31 -3.67
CA CYS A 49 -6.46 -2.49 -2.96
C CYS A 49 -7.73 -2.98 -3.78
N SER A 50 -7.63 -4.22 -4.45
CA SER A 50 -8.80 -4.84 -5.29
C SER A 50 -8.72 -6.46 -5.37
N ASN A 51 -7.95 -7.16 -4.42
CA ASN A 51 -7.79 -8.76 -4.44
C ASN A 51 -9.16 -9.49 -4.15
N PHE A 52 -9.98 -8.98 -3.13
CA PHE A 52 -11.33 -9.65 -2.64
C PHE A 52 -11.12 -11.20 -2.18
N PHE A 53 -9.83 -11.63 -1.81
CA PHE A 53 -9.54 -13.06 -1.28
C PHE A 53 -9.18 -12.97 0.26
N LYS A 54 -7.90 -12.48 0.66
CA LYS A 54 -7.46 -12.36 2.18
C LYS A 54 -6.08 -11.52 2.36
N PHE A 55 -5.77 -10.52 1.42
CA PHE A 55 -4.48 -9.61 1.53
C PHE A 55 -4.84 -8.10 1.22
N GLN A 56 -5.64 -7.82 0.10
CA GLN A 56 -6.09 -6.38 -0.36
C GLN A 56 -4.86 -5.42 -0.74
N CYS A 57 -3.84 -5.97 -1.52
CA CYS A 57 -2.65 -5.11 -2.08
C CYS A 57 -2.26 -5.68 -3.53
N TRP A 58 -2.59 -4.90 -4.63
CA TRP A 58 -2.30 -5.34 -6.12
C TRP A 58 -1.10 -4.50 -6.67
N CYS A 59 -0.23 -5.09 -7.57
CA CYS A 59 1.01 -4.34 -8.17
C CYS A 59 1.03 -4.46 -9.74
N THR A 60 1.50 -3.37 -10.49
CA THR A 60 1.55 -3.39 -12.04
C THR A 60 2.97 -2.86 -12.54
N ARG A 61 3.57 -3.52 -13.60
CA ARG A 61 4.92 -3.06 -14.24
C ARG A 61 4.62 -2.07 -15.41
N ASP A 1 14.47 -3.40 -5.76
CA ASP A 1 12.94 -3.36 -5.86
C ASP A 1 12.32 -4.81 -5.84
N VAL A 2 11.25 -5.05 -4.99
CA VAL A 2 10.53 -6.45 -4.92
C VAL A 2 8.96 -6.31 -4.74
N LEU A 3 8.20 -7.48 -4.82
CA LEU A 3 6.64 -7.47 -4.65
C LEU A 3 6.24 -7.27 -3.13
N SER A 4 5.78 -5.99 -2.73
CA SER A 4 5.36 -5.58 -1.26
C SER A 4 6.52 -5.80 -0.18
N GLY A 5 6.30 -5.27 1.09
CA GLY A 5 7.23 -5.42 2.28
C GLY A 5 6.43 -6.13 3.39
N LYS A 6 6.57 -7.50 3.50
CA LYS A 6 5.80 -8.44 4.49
C LYS A 6 4.39 -8.84 3.91
N TYR A 7 3.28 -7.99 4.08
CA TYR A 7 1.87 -8.33 3.47
C TYR A 7 0.96 -7.05 3.26
N LYS A 8 -0.11 -7.16 2.38
CA LYS A 8 -1.08 -5.96 2.00
C LYS A 8 -2.46 -6.47 1.37
N GLY A 9 -3.38 -5.52 0.89
CA GLY A 9 -4.77 -5.88 0.30
C GLY A 9 -4.84 -5.62 -1.29
N PRO A 10 -6.13 -5.69 -1.90
CA PRO A 10 -6.29 -5.40 -3.43
C PRO A 10 -6.24 -3.82 -3.74
N CYS A 11 -6.05 -3.43 -5.07
CA CYS A 11 -6.01 -1.90 -5.49
C CYS A 11 -7.51 -1.38 -5.69
N TYR A 12 -8.03 -0.58 -4.69
CA TYR A 12 -9.48 -0.01 -4.70
C TYR A 12 -9.43 1.59 -4.40
N PHE A 13 -10.62 2.28 -4.21
CA PHE A 13 -10.71 3.83 -3.94
C PHE A 13 -10.89 4.17 -2.37
N GLY A 14 -10.54 3.21 -1.41
CA GLY A 14 -10.65 3.45 0.12
C GLY A 14 -11.81 2.61 0.72
N ILE A 15 -11.51 1.73 1.78
CA ILE A 15 -12.59 0.83 2.51
C ILE A 15 -12.24 0.51 4.05
N ILE A 16 -11.02 0.92 4.61
CA ILE A 16 -10.63 0.57 6.11
C ILE A 16 -11.43 1.46 7.16
N PRO A 17 -11.74 0.88 8.44
CA PRO A 17 -12.41 1.75 9.53
C PRO A 17 -11.32 2.62 10.28
N CYS A 18 -10.13 1.99 10.69
CA CYS A 18 -8.96 2.75 11.42
C CYS A 18 -7.58 2.02 11.13
N PHE A 19 -6.47 2.81 10.77
CA PHE A 19 -5.05 2.15 10.49
C PHE A 19 -3.89 3.22 10.62
N VAL A 20 -4.07 4.44 9.97
CA VAL A 20 -2.98 5.57 9.96
C VAL A 20 -3.68 7.01 10.17
N ARG A 21 -3.08 8.19 9.65
CA ARG A 21 -3.72 9.65 9.81
C ARG A 21 -5.24 9.71 9.26
N GLY A 22 -5.65 8.78 8.30
CA GLY A 22 -7.08 8.76 7.70
C GLY A 22 -8.13 7.94 8.57
N CYS A 23 -7.85 7.58 9.91
CA CYS A 23 -8.89 6.81 10.85
C CYS A 23 -10.21 7.70 11.04
N LYS A 24 -10.07 9.03 11.40
CA LYS A 24 -11.30 10.00 11.64
C LYS A 24 -12.14 10.25 10.30
N PRO A 25 -11.41 10.66 9.13
CA PRO A 25 -12.19 10.89 7.81
C PRO A 25 -12.69 9.51 7.12
N LYS A 26 -12.00 8.31 7.40
CA LYS A 26 -12.34 6.89 6.77
C LYS A 26 -12.16 6.88 5.19
N LEU A 27 -11.92 5.64 4.55
CA LEU A 27 -11.64 5.45 3.01
C LEU A 27 -10.32 6.24 2.56
N PHE A 28 -9.19 5.50 2.25
CA PHE A 28 -7.80 6.19 1.85
C PHE A 28 -7.82 6.95 0.45
N ASP A 29 -8.95 6.90 -0.40
CA ASP A 29 -9.07 7.59 -1.83
C ASP A 29 -8.27 6.80 -2.94
N ALA A 30 -6.95 6.40 -2.69
CA ALA A 30 -6.11 5.57 -3.70
C ALA A 30 -5.19 4.54 -2.92
N HIS A 31 -5.09 3.24 -3.39
CA HIS A 31 -4.21 2.12 -2.64
C HIS A 31 -2.65 2.48 -2.63
N ARG A 32 -2.14 3.43 -3.53
CA ARG A 32 -0.59 3.86 -3.55
C ARG A 32 -0.14 4.43 -2.12
N LYS A 33 -1.01 5.31 -1.46
CA LYS A 33 -0.70 5.92 -0.03
C LYS A 33 -0.76 4.79 1.12
N LEU A 34 -1.78 3.84 1.07
CA LEU A 34 -1.87 2.67 2.13
C LEU A 34 -0.72 1.60 1.88
N CYS A 35 -0.37 1.29 0.54
CA CYS A 35 0.78 0.27 0.19
C CYS A 35 2.17 0.84 0.68
N ILE A 36 2.54 2.16 0.31
CA ILE A 36 3.89 2.85 0.83
C ILE A 36 3.99 2.91 2.39
N LYS A 37 2.86 3.25 3.13
CA LYS A 37 2.90 3.34 4.71
C LYS A 37 3.21 1.93 5.38
N LEU A 38 2.64 0.79 4.82
CA LEU A 38 2.92 -0.65 5.38
C LEU A 38 4.38 -1.15 4.99
N CYS A 39 4.83 -0.99 3.65
CA CYS A 39 6.27 -1.48 3.19
C CYS A 39 7.44 -0.53 3.60
N LYS A 40 7.21 0.85 3.70
CA LYS A 40 8.39 1.85 4.14
C LYS A 40 8.92 1.56 5.65
N GLN A 41 8.11 0.82 6.55
CA GLN A 41 8.50 0.55 8.05
C GLN A 41 9.83 -0.33 8.17
N GLU A 42 10.04 -1.39 7.27
CA GLU A 42 11.32 -2.28 7.34
C GLU A 42 12.51 -1.61 6.56
N GLY A 43 12.39 -1.38 5.18
CA GLY A 43 13.56 -0.76 4.37
C GLY A 43 13.18 -0.38 2.91
N PHE A 44 12.07 0.43 2.70
CA PHE A 44 11.66 0.96 1.26
C PHE A 44 11.19 2.49 1.34
N LYS A 45 10.97 3.16 0.12
CA LYS A 45 10.48 4.66 0.06
C LYS A 45 9.60 5.05 -1.22
N SER A 46 9.33 4.10 -2.22
CA SER A 46 8.41 4.43 -3.44
C SER A 46 7.46 3.18 -3.76
N GLY A 47 6.14 3.23 -3.26
CA GLY A 47 5.11 2.09 -3.46
C GLY A 47 4.03 2.51 -4.53
N HIS A 48 3.65 1.56 -5.48
CA HIS A 48 2.59 1.86 -6.63
C HIS A 48 1.82 0.54 -7.06
N CYS A 49 0.58 0.67 -7.72
CA CYS A 49 -0.17 -0.58 -8.33
C CYS A 49 0.40 -0.81 -9.78
N SER A 50 0.79 -2.12 -10.13
CA SER A 50 1.44 -2.43 -11.52
C SER A 50 1.18 -3.91 -12.00
N ASN A 51 1.27 -4.95 -11.06
CA ASN A 51 1.09 -6.43 -11.45
C ASN A 51 -0.36 -6.92 -11.04
N PHE A 52 -1.22 -7.29 -12.06
CA PHE A 52 -2.66 -7.84 -11.83
C PHE A 52 -2.64 -9.46 -11.83
N PHE A 53 -1.49 -10.14 -11.32
CA PHE A 53 -1.49 -11.71 -11.13
C PHE A 53 -2.44 -12.09 -9.93
N LYS A 54 -2.34 -11.32 -8.75
CA LYS A 54 -3.26 -11.56 -7.48
C LYS A 54 -3.02 -10.49 -6.29
N PHE A 55 -2.44 -9.22 -6.58
CA PHE A 55 -2.23 -8.15 -5.42
C PHE A 55 -2.06 -6.65 -5.90
N GLN A 56 -1.40 -6.36 -7.10
CA GLN A 56 -1.14 -4.87 -7.64
C GLN A 56 -0.34 -3.95 -6.54
N CYS A 57 0.97 -4.29 -6.24
CA CYS A 57 1.85 -3.46 -5.21
C CYS A 57 3.41 -3.71 -5.46
N TRP A 58 4.17 -2.66 -5.99
CA TRP A 58 5.70 -2.74 -6.24
C TRP A 58 6.38 -1.65 -5.33
N CYS A 59 7.20 -2.06 -4.27
CA CYS A 59 7.94 -1.04 -3.34
C CYS A 59 9.45 -1.00 -3.79
N THR A 60 10.00 0.25 -4.10
CA THR A 60 11.44 0.43 -4.65
C THR A 60 12.28 1.32 -3.67
N ARG A 61 13.61 0.96 -3.45
CA ARG A 61 14.59 1.81 -2.55
C ARG A 61 15.30 2.93 -3.45
#